data_7AK2
#
_entry.id   7AK2
#
_cell.length_a   58.250
_cell.length_b   85.050
_cell.length_c   84.740
_cell.angle_alpha   90.000
_cell.angle_beta   107.940
_cell.angle_gamma   90.000
#
_symmetry.space_group_name_H-M   'P 1 21 1'
#
loop_
_entity.id
_entity.type
_entity.pdbx_description
1 polymer 'Dual specificity tyrosine-phosphorylation-regulated kinase 1A'
2 non-polymer 4-[2-methyl-3-(2-pyridin-2-yloxyethyl)imidazo[4,5-b]pyridin-5-yl]pyridine-2,6-diamine
3 non-polymer 'PHOSPHATE ION'
4 non-polymer 'DIMETHYL SULFOXIDE'
5 water water
#
_entity_poly.entity_id   1
_entity_poly.type   'polypeptide(L)'
_entity_poly.pdbx_seq_one_letter_code
;MGSSHHHHHHSSGLVPRG(SEP)HMIVKNGEKWMDRYEIDSLIGKGSFGQVVKAYDRVEQEWVAIKIIKNKKAFLNQAQI
EVRLLELMNKHDTEMKYYIVHLKRHFMFRNHLCLVFEMLSYNLYDLLRNTNFRGVSLNLTRKFAQQMCTALLFLATPELS
IIHCDLKPENILLCNPKRSAIKIVDFGSSCQLGQRIYQ(PTR)IQSRFYRSPEVLLGMPYDLAIDMWSLGCILVEMHTGE
PLFSGANEVDQMNKIVEVLGIPPAHILDQAPKARKFFEKLPDGTWNLKKTKDGKREYKPPGTRKLHNILGVETGGPGGRR
AGESGHTVADYLKFKDLILRMLDYDPKTRIQPYYALQHSFFKKTADE
;
_entity_poly.pdbx_strand_id   A,B
#
loop_
_chem_comp.id
_chem_comp.type
_chem_comp.name
_chem_comp.formula
DMS non-polymer 'DIMETHYL SULFOXIDE' 'C2 H6 O S'
PO4 non-polymer 'PHOSPHATE ION' 'O4 P -3'
RHH non-polymer 4-[2-methyl-3-(2-pyridin-2-yloxyethyl)imidazo[4,5-b]pyridin-5-yl]pyridine-2,6-diamine 'C19 H19 N7 O'
#
# COMPACT_ATOMS: atom_id res chain seq x y z
N ARG A 17 -5.53 10.81 12.75
CA ARG A 17 -5.83 9.34 12.78
C ARG A 17 -6.11 8.85 11.36
N GLY A 18 -5.33 7.86 10.87
CA GLY A 18 -5.38 7.42 9.46
C GLY A 18 -4.31 8.16 8.65
N SEP A 19 -3.96 7.63 7.47
CA SEP A 19 -2.91 8.21 6.65
CB SEP A 19 -2.16 7.15 5.86
OG SEP A 19 -2.42 5.82 6.38
C SEP A 19 -3.46 9.30 5.72
O SEP A 19 -2.69 10.12 5.22
P SEP A 19 -3.65 4.96 5.77
O1P SEP A 19 -4.58 4.79 6.94
O2P SEP A 19 -3.04 3.65 5.27
O3P SEP A 19 -4.28 5.79 4.68
N HIS A 20 -4.78 9.28 5.49
CA HIS A 20 -5.46 10.20 4.58
C HIS A 20 -5.68 11.56 5.25
N MET A 21 -5.82 12.61 4.44
CA MET A 21 -6.29 13.93 4.93
C MET A 21 -7.83 13.91 4.91
N ILE A 22 -8.47 14.43 5.94
CA ILE A 22 -9.95 14.59 5.97
C ILE A 22 -10.27 15.88 5.19
N VAL A 23 -11.21 15.81 4.26
CA VAL A 23 -11.56 16.98 3.39
C VAL A 23 -13.08 17.10 3.36
N LYS A 24 -13.60 18.29 3.63
CA LYS A 24 -15.05 18.60 3.57
C LYS A 24 -15.30 19.45 2.31
N ASN A 25 -16.19 18.99 1.43
CA ASN A 25 -16.61 19.77 0.24
C ASN A 25 -16.97 21.20 0.67
N GLY A 26 -16.43 22.19 -0.04
CA GLY A 26 -16.74 23.61 0.19
C GLY A 26 -15.67 24.34 0.99
N GLU A 27 -14.77 23.61 1.68
CA GLU A 27 -13.75 24.25 2.57
C GLU A 27 -12.70 24.95 1.71
N LYS A 28 -12.01 25.93 2.29
CA LYS A 28 -11.04 26.81 1.59
C LYS A 28 -9.69 26.73 2.29
N TRP A 29 -8.63 26.44 1.53
CA TRP A 29 -7.25 26.22 2.06
C TRP A 29 -6.41 27.48 1.87
N MET A 30 -5.89 28.05 2.95
CA MET A 30 -4.95 29.20 2.90
C MET A 30 -5.60 30.33 2.07
N ASP A 31 -6.91 30.51 2.26
CA ASP A 31 -7.77 31.47 1.52
C ASP A 31 -7.38 31.45 0.04
N ARG A 32 -7.60 30.32 -0.62
CA ARG A 32 -7.18 30.16 -2.03
C ARG A 32 -7.93 29.03 -2.75
N TYR A 33 -8.03 27.84 -2.17
CA TYR A 33 -8.50 26.62 -2.87
C TYR A 33 -9.90 26.27 -2.38
N GLU A 34 -10.92 26.47 -3.20
CA GLU A 34 -12.31 26.07 -2.86
C GLU A 34 -12.40 24.58 -3.18
N ILE A 35 -12.26 23.73 -2.17
CA ILE A 35 -12.29 22.28 -2.43
C ILE A 35 -13.70 21.98 -2.94
N ASP A 36 -13.80 21.85 -4.26
CA ASP A 36 -15.10 21.52 -4.90
C ASP A 36 -15.44 20.11 -4.45
N SER A 37 -14.65 19.09 -4.82
CA SER A 37 -14.98 17.66 -4.56
C SER A 37 -13.76 16.74 -4.73
N LEU A 38 -14.00 15.43 -4.58
CA LEU A 38 -12.99 14.35 -4.68
C LEU A 38 -13.11 13.68 -6.06
N ILE A 39 -12.06 13.71 -6.87
CA ILE A 39 -12.11 13.26 -8.30
C ILE A 39 -11.16 12.10 -8.56
N GLY A 40 -10.62 11.45 -7.53
CA GLY A 40 -9.56 10.44 -7.77
C GLY A 40 -8.96 9.90 -6.49
N LYS A 41 -8.35 8.74 -6.61
CA LYS A 41 -7.78 8.03 -5.43
C LYS A 41 -6.82 6.96 -5.93
N GLY A 42 -5.93 6.54 -5.03
CA GLY A 42 -4.94 5.51 -5.31
C GLY A 42 -4.29 5.11 -4.01
N SER A 43 -3.23 4.33 -4.10
CA SER A 43 -2.46 3.86 -2.92
C SER A 43 -1.74 5.08 -2.34
N PHE A 44 -1.39 6.05 -3.20
CA PHE A 44 -0.70 7.33 -2.88
C PHE A 44 -1.52 8.23 -1.96
N GLY A 45 -2.86 8.14 -1.98
CA GLY A 45 -3.75 9.12 -1.31
C GLY A 45 -4.94 9.49 -2.18
N GLN A 46 -5.28 10.78 -2.25
CA GLN A 46 -6.55 11.33 -2.84
C GLN A 46 -6.22 12.35 -3.91
N VAL A 47 -7.11 12.56 -4.88
CA VAL A 47 -7.02 13.74 -5.79
C VAL A 47 -8.31 14.53 -5.65
N VAL A 48 -8.18 15.84 -5.43
CA VAL A 48 -9.37 16.72 -5.23
C VAL A 48 -9.42 17.77 -6.33
N LYS A 49 -10.63 18.02 -6.81
CA LYS A 49 -10.92 19.15 -7.69
C LYS A 49 -11.08 20.37 -6.80
N ALA A 50 -10.33 21.43 -7.06
CA ALA A 50 -10.46 22.66 -6.26
C ALA A 50 -10.36 23.84 -7.21
N TYR A 51 -11.14 24.89 -6.95
CA TYR A 51 -11.02 26.17 -7.70
C TYR A 51 -9.90 26.99 -7.06
N ASP A 52 -8.90 27.38 -7.84
CA ASP A 52 -7.83 28.30 -7.40
C ASP A 52 -8.37 29.73 -7.53
N ARG A 53 -9.01 30.20 -6.46
CA ARG A 53 -9.63 31.54 -6.28
C ARG A 53 -8.65 32.62 -6.74
N VAL A 54 -7.37 32.51 -6.35
CA VAL A 54 -6.31 33.48 -6.74
C VAL A 54 -6.16 33.46 -8.26
N GLU A 55 -6.01 32.29 -8.88
CA GLU A 55 -5.72 32.22 -10.34
C GLU A 55 -7.00 32.04 -11.15
N GLN A 56 -8.18 32.07 -10.51
CA GLN A 56 -9.51 31.94 -11.17
C GLN A 56 -9.48 30.74 -12.12
N GLU A 57 -9.08 29.55 -11.65
CA GLU A 57 -9.03 28.34 -12.53
C GLU A 57 -9.07 27.07 -11.68
N TRP A 58 -9.63 26.02 -12.28
CA TRP A 58 -9.73 24.66 -11.70
C TRP A 58 -8.32 24.03 -11.62
N VAL A 59 -8.06 23.29 -10.55
CA VAL A 59 -6.79 22.51 -10.40
C VAL A 59 -7.15 21.17 -9.80
N ALA A 60 -6.33 20.17 -10.07
CA ALA A 60 -6.43 18.84 -9.43
C ALA A 60 -5.32 18.78 -8.38
N ILE A 61 -5.65 18.57 -7.12
CA ILE A 61 -4.64 18.52 -6.05
C ILE A 61 -4.53 17.08 -5.58
N LYS A 62 -3.36 16.50 -5.79
CA LYS A 62 -3.01 15.15 -5.34
C LYS A 62 -2.50 15.29 -3.92
N ILE A 63 -3.22 14.69 -2.97
CA ILE A 63 -2.90 14.79 -1.52
C ILE A 63 -2.26 13.46 -1.14
N ILE A 64 -0.96 13.53 -0.88
CA ILE A 64 -0.13 12.33 -0.56
C ILE A 64 -0.45 11.96 0.88
N LYS A 65 -0.68 10.67 1.13
CA LYS A 65 -0.88 10.11 2.48
C LYS A 65 0.31 10.48 3.37
N ASN A 66 0.06 10.59 4.66
CA ASN A 66 1.10 10.91 5.66
C ASN A 66 1.76 9.59 6.12
N LYS A 67 2.48 8.92 5.22
CA LYS A 67 3.20 7.63 5.38
C LYS A 67 4.47 7.84 4.59
N LYS A 68 5.63 7.38 5.11
CA LYS A 68 6.99 7.64 4.58
C LYS A 68 7.15 7.06 3.17
N ALA A 69 6.69 5.83 2.90
CA ALA A 69 6.84 5.13 1.59
C ALA A 69 6.18 5.95 0.48
N PHE A 70 5.00 6.52 0.74
CA PHE A 70 4.21 7.29 -0.27
C PHE A 70 4.81 8.71 -0.36
N LEU A 71 5.29 9.27 0.76
CA LEU A 71 5.97 10.58 0.76
C LEU A 71 7.26 10.46 -0.08
N ASN A 72 8.06 9.42 0.13
CA ASN A 72 9.29 9.15 -0.66
C ASN A 72 8.93 9.04 -2.15
N GLN A 73 7.91 8.27 -2.49
CA GLN A 73 7.48 8.11 -3.92
C GLN A 73 7.13 9.49 -4.50
N ALA A 74 6.36 10.30 -3.77
CA ALA A 74 5.90 11.64 -4.25
C ALA A 74 7.06 12.60 -4.39
N GLN A 75 8.13 12.51 -3.58
CA GLN A 75 9.32 13.40 -3.70
C GLN A 75 10.12 13.00 -4.95
N ILE A 76 10.18 11.72 -5.30
CA ILE A 76 10.75 11.28 -6.60
C ILE A 76 9.87 11.85 -7.71
N GLU A 77 8.54 11.78 -7.58
CA GLU A 77 7.62 12.29 -8.63
C GLU A 77 7.90 13.80 -8.82
N VAL A 78 7.96 14.58 -7.74
CA VAL A 78 8.21 16.05 -7.79
C VAL A 78 9.52 16.29 -8.52
N ARG A 79 10.59 15.60 -8.13
CA ARG A 79 11.93 15.73 -8.75
C ARG A 79 11.88 15.41 -10.26
N LEU A 80 11.26 14.31 -10.69
CA LEU A 80 11.21 13.95 -12.16
C LEU A 80 10.31 14.95 -12.90
N LEU A 81 9.19 15.38 -12.34
CA LEU A 81 8.32 16.37 -13.04
C LEU A 81 9.07 17.71 -13.17
N GLU A 82 9.86 18.12 -12.16
CA GLU A 82 10.59 19.41 -12.24
C GLU A 82 11.74 19.27 -13.24
N LEU A 83 12.37 18.10 -13.31
CA LEU A 83 13.43 17.80 -14.30
C LEU A 83 12.87 17.97 -15.71
N MET A 84 11.65 17.49 -15.94
CA MET A 84 11.00 17.47 -17.27
C MET A 84 10.62 18.91 -17.66
N ASN A 85 10.18 19.71 -16.68
CA ASN A 85 9.69 21.10 -16.91
C ASN A 85 10.85 22.00 -17.31
N LYS A 86 12.10 21.62 -17.01
CA LYS A 86 13.31 22.38 -17.42
C LYS A 86 13.56 22.24 -18.93
N HIS A 87 12.81 21.43 -19.68
CA HIS A 87 13.13 21.13 -21.10
C HIS A 87 12.35 22.07 -22.05
N ASP A 88 13.07 22.66 -23.01
CA ASP A 88 12.53 23.46 -24.13
C ASP A 88 12.29 22.52 -25.32
N THR A 89 11.12 21.90 -25.35
CA THR A 89 10.60 21.02 -26.42
C THR A 89 9.09 20.91 -26.21
N GLU A 90 8.34 20.86 -27.30
CA GLU A 90 6.85 20.82 -27.28
C GLU A 90 6.39 19.42 -26.82
N MET A 91 7.27 18.42 -26.95
CA MET A 91 7.01 17.01 -26.54
C MET A 91 6.69 16.92 -25.04
N LYS A 92 7.22 17.81 -24.20
CA LYS A 92 7.00 17.74 -22.72
C LYS A 92 5.53 17.93 -22.36
N TYR A 93 4.70 18.42 -23.30
CA TYR A 93 3.28 18.76 -23.04
C TYR A 93 2.40 17.49 -23.16
N TYR A 94 2.97 16.30 -23.42
CA TYR A 94 2.22 15.03 -23.29
C TYR A 94 2.31 14.52 -21.83
N ILE A 95 3.08 15.21 -20.99
CA ILE A 95 3.22 14.90 -19.54
C ILE A 95 2.38 15.94 -18.76
N VAL A 96 1.56 15.48 -17.81
CA VAL A 96 0.75 16.37 -16.95
C VAL A 96 1.68 17.41 -16.30
N HIS A 97 1.18 18.64 -16.19
CA HIS A 97 1.98 19.80 -15.69
C HIS A 97 1.79 19.95 -14.18
N LEU A 98 2.89 19.87 -13.43
CA LEU A 98 2.88 20.21 -11.99
C LEU A 98 2.99 21.73 -11.81
N LYS A 99 1.97 22.40 -11.29
CA LYS A 99 1.95 23.88 -11.13
C LYS A 99 2.84 24.25 -9.93
N ARG A 100 2.61 23.61 -8.78
CA ARG A 100 3.26 23.96 -7.48
C ARG A 100 3.19 22.75 -6.54
N HIS A 101 3.94 22.76 -5.46
CA HIS A 101 3.76 21.77 -4.37
C HIS A 101 4.03 22.47 -3.05
N PHE A 102 3.30 22.08 -2.01
CA PHE A 102 3.42 22.61 -0.64
C PHE A 102 2.94 21.57 0.36
N MET A 103 3.42 21.69 1.60
CA MET A 103 2.94 20.92 2.77
C MET A 103 1.71 21.64 3.33
N PHE A 104 0.69 20.88 3.73
CA PHE A 104 -0.58 21.41 4.28
C PHE A 104 -1.18 20.35 5.20
N ARG A 105 -1.26 20.66 6.49
CA ARG A 105 -1.79 19.75 7.55
C ARG A 105 -1.00 18.43 7.56
N ASN A 106 0.31 18.52 7.33
CA ASN A 106 1.30 17.42 7.37
C ASN A 106 1.15 16.45 6.20
N HIS A 107 0.55 16.88 5.10
CA HIS A 107 0.50 16.11 3.83
C HIS A 107 1.23 16.88 2.74
N LEU A 108 2.03 16.18 1.92
CA LEU A 108 2.57 16.76 0.67
C LEU A 108 1.40 16.93 -0.33
N CYS A 109 1.22 18.11 -0.90
CA CYS A 109 0.11 18.41 -1.84
C CYS A 109 0.70 18.81 -3.19
N LEU A 110 0.37 18.09 -4.26
CA LEU A 110 0.87 18.40 -5.62
C LEU A 110 -0.29 19.03 -6.41
N VAL A 111 -0.07 20.23 -6.95
CA VAL A 111 -1.13 20.97 -7.70
C VAL A 111 -0.86 20.76 -9.19
N PHE A 112 -1.83 20.16 -9.87
CA PHE A 112 -1.77 19.85 -11.32
C PHE A 112 -2.82 20.68 -12.06
N GLU A 113 -2.58 20.91 -13.34
CA GLU A 113 -3.61 21.28 -14.32
C GLU A 113 -4.75 20.26 -14.26
N MET A 114 -6.00 20.72 -14.35
CA MET A 114 -7.20 19.87 -14.32
C MET A 114 -7.32 19.21 -15.69
N LEU A 115 -7.52 17.88 -15.72
CA LEU A 115 -7.68 17.14 -16.99
C LEU A 115 -9.08 16.53 -16.97
N SER A 116 -9.41 15.71 -17.96
CA SER A 116 -10.73 15.07 -18.15
C SER A 116 -10.58 13.58 -17.83
N TYR A 117 -11.37 12.68 -18.42
CA TYR A 117 -11.40 11.30 -17.87
C TYR A 117 -10.29 10.46 -18.50
N ASN A 118 -10.04 9.32 -17.86
CA ASN A 118 -8.95 8.40 -18.23
C ASN A 118 -9.46 7.50 -19.37
N LEU A 119 -8.54 6.77 -20.00
CA LEU A 119 -8.88 5.98 -21.20
C LEU A 119 -9.70 4.75 -20.80
N TYR A 120 -9.62 4.29 -19.56
CA TYR A 120 -10.53 3.20 -19.14
C TYR A 120 -11.97 3.73 -19.10
N ASP A 121 -12.20 4.93 -18.57
CA ASP A 121 -13.55 5.55 -18.53
C ASP A 121 -14.09 5.64 -19.97
N LEU A 122 -13.24 6.06 -20.91
CA LEU A 122 -13.60 6.19 -22.34
C LEU A 122 -14.03 4.82 -22.88
N LEU A 123 -13.28 3.77 -22.60
CA LEU A 123 -13.68 2.38 -22.97
C LEU A 123 -15.02 2.00 -22.32
N ARG A 124 -15.23 2.30 -21.03
CA ARG A 124 -16.50 2.03 -20.31
C ARG A 124 -17.65 2.76 -21.04
N ASN A 125 -17.43 3.97 -21.55
CA ASN A 125 -18.44 4.73 -22.32
C ASN A 125 -18.88 3.95 -23.58
N THR A 126 -18.00 3.14 -24.17
CA THR A 126 -18.30 2.36 -25.40
C THR A 126 -18.88 0.99 -25.07
N ASN A 127 -19.21 0.73 -23.78
CA ASN A 127 -19.58 -0.62 -23.26
C ASN A 127 -18.48 -1.64 -23.56
N PHE A 128 -17.22 -1.20 -23.58
CA PHE A 128 -16.02 -2.05 -23.79
C PHE A 128 -16.06 -2.72 -25.18
N ARG A 129 -16.57 -2.04 -26.18
CA ARG A 129 -16.54 -2.52 -27.58
C ARG A 129 -15.36 -1.87 -28.33
N GLY A 130 -14.72 -0.87 -27.72
CA GLY A 130 -13.49 -0.25 -28.23
C GLY A 130 -13.75 1.07 -28.91
N VAL A 131 -12.73 1.92 -29.02
CA VAL A 131 -12.78 3.15 -29.86
C VAL A 131 -12.28 2.79 -31.26
N SER A 132 -12.47 3.70 -32.20
CA SER A 132 -12.16 3.47 -33.64
C SER A 132 -10.66 3.35 -33.80
N LEU A 133 -10.24 2.70 -34.88
CA LEU A 133 -8.83 2.66 -35.28
C LEU A 133 -8.27 4.08 -35.44
N ASN A 134 -9.07 5.02 -35.95
CA ASN A 134 -8.66 6.43 -36.16
C ASN A 134 -8.28 7.05 -34.83
N LEU A 135 -9.10 6.89 -33.79
CA LEU A 135 -8.81 7.48 -32.47
C LEU A 135 -7.63 6.74 -31.81
N THR A 136 -7.60 5.40 -31.89
CA THR A 136 -6.48 4.54 -31.45
C THR A 136 -5.19 5.08 -32.02
N ARG A 137 -5.16 5.43 -33.31
CA ARG A 137 -3.94 5.93 -33.97
C ARG A 137 -3.53 7.25 -33.31
N LYS A 138 -4.49 8.11 -33.01
CA LYS A 138 -4.19 9.45 -32.43
C LYS A 138 -3.58 9.27 -31.03
N PHE A 139 -4.10 8.34 -30.24
CA PHE A 139 -3.55 8.02 -28.89
C PHE A 139 -2.14 7.43 -29.03
N ALA A 140 -1.96 6.51 -29.98
CA ALA A 140 -0.67 5.83 -30.24
C ALA A 140 0.41 6.87 -30.57
N GLN A 141 0.11 7.86 -31.43
CA GLN A 141 1.12 8.85 -31.91
C GLN A 141 1.60 9.74 -30.76
N GLN A 142 0.67 10.17 -29.92
CA GLN A 142 0.94 11.03 -28.74
C GLN A 142 1.76 10.23 -27.71
N MET A 143 1.38 8.97 -27.47
CA MET A 143 2.05 8.11 -26.46
C MET A 143 3.48 7.84 -26.91
N CYS A 144 3.70 7.56 -28.20
CA CYS A 144 5.06 7.33 -28.76
C CYS A 144 5.89 8.63 -28.63
N THR A 145 5.29 9.80 -28.86
CA THR A 145 5.97 11.09 -28.67
C THR A 145 6.33 11.29 -27.20
N ALA A 146 5.45 10.91 -26.27
CA ALA A 146 5.70 11.05 -24.81
C ALA A 146 6.86 10.12 -24.43
N LEU A 147 6.88 8.89 -24.93
CA LEU A 147 7.99 7.92 -24.68
C LEU A 147 9.30 8.44 -25.29
N LEU A 148 9.23 9.10 -26.44
CA LEU A 148 10.43 9.73 -27.08
C LEU A 148 10.99 10.77 -26.10
N PHE A 149 10.14 11.61 -25.55
CA PHE A 149 10.52 12.65 -24.54
C PHE A 149 11.18 12.00 -23.34
N LEU A 150 10.56 10.96 -22.78
CA LEU A 150 11.11 10.28 -21.57
C LEU A 150 12.47 9.66 -21.89
N ALA A 151 12.73 9.27 -23.15
CA ALA A 151 13.98 8.58 -23.56
C ALA A 151 15.13 9.56 -23.82
N THR A 152 14.90 10.88 -23.78
CA THR A 152 15.97 11.91 -23.88
C THR A 152 17.07 11.51 -22.90
N PRO A 153 18.35 11.40 -23.33
CA PRO A 153 19.44 10.94 -22.46
C PRO A 153 19.45 11.53 -21.03
N GLU A 154 19.35 12.86 -20.89
CA GLU A 154 19.42 13.59 -19.59
C GLU A 154 18.18 13.27 -18.73
N LEU A 155 17.10 12.72 -19.32
CA LEU A 155 15.92 12.23 -18.55
C LEU A 155 16.06 10.73 -18.30
N SER A 156 15.98 9.91 -19.36
CA SER A 156 16.04 8.42 -19.25
C SER A 156 15.05 7.93 -18.18
N ILE A 157 13.82 8.44 -18.21
CA ILE A 157 12.76 8.12 -17.21
C ILE A 157 12.00 6.88 -17.70
N ILE A 158 11.91 5.86 -16.83
CA ILE A 158 11.00 4.70 -16.96
C ILE A 158 9.74 5.01 -16.15
N HIS A 159 8.59 5.08 -16.80
CA HIS A 159 7.32 5.43 -16.11
C HIS A 159 6.96 4.31 -15.12
N CYS A 160 6.98 3.05 -15.60
CA CYS A 160 6.85 1.79 -14.81
C CYS A 160 5.41 1.51 -14.36
N ASP A 161 4.43 2.33 -14.75
CA ASP A 161 3.02 2.10 -14.37
C ASP A 161 2.07 2.54 -15.49
N LEU A 162 2.44 2.38 -16.77
CA LEU A 162 1.53 2.78 -17.87
C LEU A 162 0.36 1.79 -17.88
N LYS A 163 -0.85 2.35 -17.84
CA LYS A 163 -2.15 1.66 -17.94
C LYS A 163 -3.17 2.71 -18.39
N PRO A 164 -4.34 2.30 -18.90
CA PRO A 164 -5.36 3.26 -19.34
C PRO A 164 -5.77 4.25 -18.25
N GLU A 165 -5.77 3.83 -16.98
CA GLU A 165 -6.13 4.70 -15.82
C GLU A 165 -5.13 5.87 -15.71
N ASN A 166 -3.91 5.74 -16.26
CA ASN A 166 -2.85 6.77 -16.07
C ASN A 166 -2.66 7.57 -17.36
N ILE A 167 -3.60 7.47 -18.29
CA ILE A 167 -3.64 8.29 -19.54
C ILE A 167 -4.96 9.04 -19.53
N LEU A 168 -4.90 10.37 -19.58
CA LEU A 168 -6.08 11.25 -19.38
C LEU A 168 -6.26 12.16 -20.61
N LEU A 169 -7.50 12.30 -21.05
CA LEU A 169 -7.91 13.32 -22.05
C LEU A 169 -7.71 14.69 -21.41
N CYS A 170 -7.19 15.65 -22.15
CA CYS A 170 -7.14 17.06 -21.69
C CYS A 170 -8.58 17.59 -21.61
N ASN A 171 -9.43 17.17 -22.56
CA ASN A 171 -10.80 17.71 -22.76
C ASN A 171 -11.71 16.63 -23.27
N PRO A 172 -12.96 16.56 -22.77
CA PRO A 172 -13.84 15.43 -23.07
C PRO A 172 -14.23 15.30 -24.55
N LYS A 173 -14.08 16.37 -25.34
CA LYS A 173 -14.50 16.36 -26.76
C LYS A 173 -13.31 16.09 -27.69
N ARG A 174 -12.07 16.34 -27.25
CA ARG A 174 -10.90 16.23 -28.15
C ARG A 174 -10.09 14.94 -27.89
N SER A 175 -9.12 14.66 -28.74
CA SER A 175 -8.26 13.45 -28.77
C SER A 175 -6.95 13.64 -27.97
N ALA A 176 -6.61 14.86 -27.55
CA ALA A 176 -5.34 15.21 -26.87
C ALA A 176 -5.27 14.46 -25.54
N ILE A 177 -4.15 13.80 -25.25
CA ILE A 177 -3.98 13.04 -23.97
C ILE A 177 -2.70 13.44 -23.26
N LYS A 178 -2.63 13.13 -21.97
CA LYS A 178 -1.41 13.35 -21.14
C LYS A 178 -1.23 12.15 -20.22
N ILE A 179 0.04 11.84 -19.92
CA ILE A 179 0.43 10.78 -18.98
C ILE A 179 0.47 11.39 -17.57
N VAL A 180 -0.11 10.72 -16.59
CA VAL A 180 0.02 11.11 -15.15
C VAL A 180 0.76 10.02 -14.38
N ASP A 181 1.12 10.38 -13.13
CA ASP A 181 1.53 9.48 -12.04
C ASP A 181 2.95 8.95 -12.29
N PHE A 182 3.95 9.67 -11.78
CA PHE A 182 5.39 9.27 -11.82
C PHE A 182 5.84 8.74 -10.47
N GLY A 183 4.89 8.25 -9.65
CA GLY A 183 5.11 7.78 -8.28
C GLY A 183 5.93 6.49 -8.21
N SER A 184 5.80 5.60 -9.20
CA SER A 184 6.52 4.30 -9.27
C SER A 184 7.72 4.41 -10.21
N SER A 185 8.00 5.62 -10.73
CA SER A 185 8.97 5.81 -11.84
C SER A 185 10.41 5.72 -11.30
N CYS A 186 11.37 5.42 -12.18
CA CYS A 186 12.83 5.52 -11.88
C CYS A 186 13.60 5.92 -13.12
N GLN A 187 14.91 6.05 -13.01
CA GLN A 187 15.75 6.39 -14.19
C GLN A 187 16.53 5.13 -14.56
N LEU A 188 16.98 5.09 -15.81
CA LEU A 188 17.69 3.94 -16.41
C LEU A 188 18.77 3.42 -15.44
N GLY A 189 18.72 2.12 -15.15
CA GLY A 189 19.73 1.41 -14.34
C GLY A 189 19.31 1.30 -12.89
N GLN A 190 18.23 1.96 -12.46
CA GLN A 190 17.75 1.86 -11.05
C GLN A 190 16.88 0.61 -10.85
N ARG A 191 17.00 0.02 -9.66
CA ARG A 191 16.12 -1.04 -9.14
C ARG A 191 15.69 -0.57 -7.74
N ILE A 192 14.45 -0.14 -7.56
CA ILE A 192 14.00 0.52 -6.30
C ILE A 192 12.89 -0.30 -5.66
N TYR A 193 11.95 -0.84 -6.46
CA TYR A 193 10.70 -1.46 -5.93
C TYR A 193 10.75 -2.94 -6.28
N GLN A 194 10.17 -3.78 -5.42
CA GLN A 194 10.15 -5.26 -5.54
C GLN A 194 9.36 -5.66 -6.78
N PTR A 195 8.18 -5.07 -6.92
CA PTR A 195 7.29 -5.34 -8.04
C PTR A 195 6.93 -4.04 -8.77
O PTR A 195 6.47 -3.10 -8.13
CB PTR A 195 5.98 -5.97 -7.54
CG PTR A 195 6.13 -7.35 -6.99
CD1 PTR A 195 5.90 -7.61 -5.65
CD2 PTR A 195 6.45 -8.42 -7.82
CE1 PTR A 195 6.00 -8.89 -5.13
CE2 PTR A 195 6.55 -9.71 -7.33
CZ PTR A 195 6.33 -9.93 -5.98
OH PTR A 195 6.40 -11.22 -5.43
P PTR A 195 7.63 -12.21 -5.52
O1P PTR A 195 7.30 -13.29 -4.52
O2P PTR A 195 8.87 -11.45 -5.13
O3P PTR A 195 7.79 -12.77 -6.92
N ILE A 196 7.13 -4.02 -10.09
CA ILE A 196 6.77 -2.88 -10.91
C ILE A 196 5.86 -3.30 -12.09
N GLN A 197 5.17 -2.30 -12.63
CA GLN A 197 4.12 -2.36 -13.68
C GLN A 197 2.83 -2.96 -13.14
N SER A 198 1.70 -2.44 -13.59
CA SER A 198 0.36 -3.04 -13.42
C SER A 198 0.37 -4.37 -14.18
N ARG A 199 -0.14 -5.43 -13.56
CA ARG A 199 -0.01 -6.83 -14.03
C ARG A 199 -0.35 -6.98 -15.53
N PHE A 200 -1.54 -6.59 -15.98
CA PHE A 200 -1.98 -6.76 -17.40
C PHE A 200 -0.97 -6.11 -18.37
N TYR A 201 -0.25 -5.08 -17.93
CA TYR A 201 0.67 -4.24 -18.74
C TYR A 201 2.14 -4.58 -18.45
N ARG A 202 2.42 -5.67 -17.75
CA ARG A 202 3.79 -5.98 -17.24
C ARG A 202 4.57 -6.74 -18.34
N SER A 203 5.74 -6.23 -18.67
CA SER A 203 6.66 -6.78 -19.69
C SER A 203 7.22 -8.15 -19.25
N PRO A 204 7.56 -9.00 -20.25
CA PRO A 204 8.17 -10.31 -19.97
C PRO A 204 9.48 -10.19 -19.14
N GLU A 205 10.32 -9.19 -19.40
CA GLU A 205 11.60 -9.02 -18.65
C GLU A 205 11.29 -8.84 -17.15
N VAL A 206 10.22 -8.08 -16.81
CA VAL A 206 9.85 -7.87 -15.38
C VAL A 206 9.31 -9.18 -14.78
N LEU A 207 8.42 -9.87 -15.48
CA LEU A 207 7.92 -11.19 -15.00
C LEU A 207 9.09 -12.16 -14.74
N LEU A 208 10.14 -12.11 -15.56
CA LEU A 208 11.26 -13.07 -15.56
C LEU A 208 12.34 -12.63 -14.57
N GLY A 209 12.20 -11.48 -13.93
CA GLY A 209 13.15 -10.95 -12.92
C GLY A 209 14.41 -10.45 -13.55
N MET A 210 14.37 -10.06 -14.82
CA MET A 210 15.58 -9.62 -15.56
C MET A 210 15.77 -8.12 -15.40
N PRO A 211 16.94 -7.58 -15.78
CA PRO A 211 17.16 -6.12 -15.79
C PRO A 211 16.20 -5.46 -16.77
N TYR A 212 15.73 -4.25 -16.42
CA TYR A 212 14.68 -3.57 -17.20
C TYR A 212 15.18 -2.16 -17.50
N ASP A 213 14.75 -1.67 -18.67
CA ASP A 213 15.12 -0.32 -19.19
C ASP A 213 13.85 0.32 -19.78
N LEU A 214 13.98 1.34 -20.61
CA LEU A 214 12.81 2.11 -21.11
C LEU A 214 11.90 1.21 -21.98
N ALA A 215 12.41 0.12 -22.57
CA ALA A 215 11.62 -0.81 -23.40
C ALA A 215 10.38 -1.35 -22.66
N ILE A 216 10.37 -1.44 -21.32
CA ILE A 216 9.17 -2.00 -20.60
C ILE A 216 7.95 -1.11 -20.86
N ASP A 217 8.11 0.21 -21.01
CA ASP A 217 6.98 1.16 -21.23
C ASP A 217 6.38 0.89 -22.63
N MET A 218 7.23 0.58 -23.61
CA MET A 218 6.80 0.30 -24.99
C MET A 218 5.92 -0.96 -24.99
N TRP A 219 6.31 -1.97 -24.23
CA TRP A 219 5.51 -3.21 -24.04
C TRP A 219 4.13 -2.82 -23.51
N SER A 220 4.10 -2.05 -22.42
CA SER A 220 2.82 -1.61 -21.81
C SER A 220 2.01 -0.89 -22.91
N LEU A 221 2.63 0.01 -23.69
CA LEU A 221 1.88 0.78 -24.72
C LEU A 221 1.22 -0.21 -25.71
N GLY A 222 1.95 -1.24 -26.13
CA GLY A 222 1.45 -2.26 -27.06
C GLY A 222 0.16 -2.85 -26.54
N CYS A 223 0.15 -3.24 -25.28
CA CYS A 223 -1.04 -3.88 -24.61
C CYS A 223 -2.19 -2.87 -24.55
N ILE A 224 -1.87 -1.65 -24.20
CA ILE A 224 -2.88 -0.55 -24.05
C ILE A 224 -3.58 -0.32 -25.40
N LEU A 225 -2.83 -0.26 -26.49
CA LEU A 225 -3.41 0.15 -27.79
C LEU A 225 -4.34 -0.94 -28.30
N VAL A 226 -4.02 -2.21 -28.05
CA VAL A 226 -4.92 -3.32 -28.44
C VAL A 226 -6.21 -3.23 -27.62
N GLU A 227 -6.09 -3.00 -26.32
CA GLU A 227 -7.26 -2.86 -25.40
C GLU A 227 -8.15 -1.69 -25.85
N MET A 228 -7.55 -0.56 -26.24
CA MET A 228 -8.32 0.64 -26.68
C MET A 228 -9.16 0.32 -27.93
N HIS A 229 -8.67 -0.52 -28.86
CA HIS A 229 -9.43 -0.85 -30.08
C HIS A 229 -10.41 -2.00 -29.82
N THR A 230 -10.05 -3.04 -29.05
CA THR A 230 -10.90 -4.23 -28.85
C THR A 230 -11.86 -4.02 -27.68
N GLY A 231 -11.52 -3.12 -26.74
CA GLY A 231 -12.33 -2.85 -25.55
C GLY A 231 -11.97 -3.72 -24.35
N GLU A 232 -11.14 -4.74 -24.52
CA GLU A 232 -10.79 -5.69 -23.43
C GLU A 232 -9.27 -5.87 -23.35
N PRO A 233 -8.73 -6.10 -22.14
CA PRO A 233 -7.29 -6.32 -21.98
C PRO A 233 -6.78 -7.45 -22.89
N LEU A 234 -5.67 -7.22 -23.58
CA LEU A 234 -4.99 -8.24 -24.41
C LEU A 234 -4.58 -9.41 -23.52
N PHE A 235 -3.91 -9.15 -22.38
CA PHE A 235 -3.43 -10.21 -21.45
C PHE A 235 -3.97 -9.96 -20.02
N SER A 236 -5.08 -10.59 -19.64
CA SER A 236 -5.78 -10.34 -18.34
C SER A 236 -5.40 -11.40 -17.30
N GLY A 237 -4.13 -11.47 -16.89
CA GLY A 237 -3.66 -12.45 -15.89
C GLY A 237 -4.26 -12.18 -14.53
N ALA A 238 -4.66 -13.22 -13.78
CA ALA A 238 -5.16 -13.11 -12.38
C ALA A 238 -3.99 -13.12 -11.38
N ASN A 239 -2.81 -13.50 -11.88
CA ASN A 239 -1.54 -13.65 -11.13
C ASN A 239 -0.42 -13.72 -12.17
N GLU A 240 0.82 -13.68 -11.71
CA GLU A 240 2.05 -13.68 -12.54
C GLU A 240 2.07 -14.90 -13.47
N VAL A 241 1.79 -16.12 -12.98
CA VAL A 241 1.88 -17.36 -13.82
C VAL A 241 0.80 -17.29 -14.90
N ASP A 242 -0.41 -16.92 -14.54
CA ASP A 242 -1.51 -16.73 -15.51
C ASP A 242 -1.14 -15.62 -16.51
N GLN A 243 -0.50 -14.53 -16.08
CA GLN A 243 -0.10 -13.42 -16.97
C GLN A 243 0.85 -14.00 -18.02
N MET A 244 1.92 -14.66 -17.59
CA MET A 244 2.92 -15.19 -18.54
C MET A 244 2.24 -16.21 -19.49
N ASN A 245 1.32 -17.01 -19.00
CA ASN A 245 0.63 -18.05 -19.82
C ASN A 245 -0.21 -17.32 -20.90
N LYS A 246 -0.88 -16.23 -20.53
CA LYS A 246 -1.71 -15.45 -21.49
C LYS A 246 -0.80 -14.86 -22.56
N ILE A 247 0.40 -14.42 -22.20
CA ILE A 247 1.33 -13.79 -23.18
C ILE A 247 1.76 -14.88 -24.15
N VAL A 248 2.04 -16.08 -23.66
CA VAL A 248 2.58 -17.22 -24.47
C VAL A 248 1.50 -17.70 -25.45
N GLU A 249 0.24 -17.67 -25.04
CA GLU A 249 -0.90 -18.03 -25.93
C GLU A 249 -0.77 -17.24 -27.24
N VAL A 250 -0.39 -15.97 -27.14
CA VAL A 250 -0.41 -15.03 -28.30
C VAL A 250 0.95 -15.03 -28.98
N LEU A 251 2.07 -15.05 -28.23
CA LEU A 251 3.42 -14.74 -28.79
C LEU A 251 4.33 -15.98 -28.81
N GLY A 252 3.92 -17.11 -28.26
CA GLY A 252 4.75 -18.34 -28.24
C GLY A 252 5.74 -18.34 -27.09
N ILE A 253 6.51 -19.42 -26.96
CA ILE A 253 7.58 -19.57 -25.91
C ILE A 253 8.62 -18.50 -26.15
N PRO A 254 9.07 -17.74 -25.12
CA PRO A 254 10.12 -16.74 -25.30
C PRO A 254 11.40 -17.34 -25.87
N PRO A 255 12.28 -16.52 -26.47
CA PRO A 255 13.55 -17.01 -27.02
C PRO A 255 14.43 -17.64 -25.92
N ALA A 256 15.09 -18.76 -26.26
CA ALA A 256 16.04 -19.51 -25.42
C ALA A 256 17.14 -18.59 -24.86
N HIS A 257 17.70 -17.64 -25.64
CA HIS A 257 18.79 -16.76 -25.12
C HIS A 257 18.27 -15.83 -23.99
N ILE A 258 16.99 -15.49 -23.99
CA ILE A 258 16.33 -14.74 -22.88
C ILE A 258 16.15 -15.69 -21.69
N LEU A 259 15.45 -16.80 -21.87
CA LEU A 259 15.10 -17.70 -20.76
C LEU A 259 16.36 -18.30 -20.10
N ASP A 260 17.45 -18.47 -20.85
CA ASP A 260 18.76 -18.98 -20.37
C ASP A 260 19.39 -17.97 -19.38
N GLN A 261 19.02 -16.68 -19.44
CA GLN A 261 19.59 -15.60 -18.59
C GLN A 261 18.62 -15.19 -17.47
N ALA A 262 17.43 -15.80 -17.39
CA ALA A 262 16.29 -15.25 -16.59
C ALA A 262 16.24 -15.86 -15.21
N PRO A 263 16.38 -15.04 -14.15
CA PRO A 263 16.26 -15.53 -12.77
C PRO A 263 14.97 -16.29 -12.48
N LYS A 264 13.84 -15.87 -13.04
CA LYS A 264 12.55 -16.53 -12.72
C LYS A 264 12.05 -17.39 -13.87
N ALA A 265 12.92 -17.81 -14.80
CA ALA A 265 12.51 -18.67 -15.93
C ALA A 265 11.71 -19.86 -15.38
N ARG A 266 12.17 -20.48 -14.28
CA ARG A 266 11.65 -21.80 -13.82
C ARG A 266 10.36 -21.60 -13.01
N LYS A 267 9.95 -20.36 -12.78
CA LYS A 267 8.57 -20.03 -12.29
C LYS A 267 7.52 -20.40 -13.37
N PHE A 268 7.88 -20.39 -14.65
CA PHE A 268 6.91 -20.49 -15.77
C PHE A 268 7.25 -21.63 -16.73
N PHE A 269 8.54 -21.89 -16.93
CA PHE A 269 9.10 -22.71 -18.04
C PHE A 269 10.02 -23.80 -17.48
N GLU A 270 10.29 -24.84 -18.28
CA GLU A 270 11.27 -25.93 -18.00
C GLU A 270 12.16 -26.19 -19.23
N LYS A 271 13.47 -26.34 -19.03
CA LYS A 271 14.46 -26.65 -20.09
C LYS A 271 14.46 -28.16 -20.34
N LEU A 272 14.29 -28.57 -21.61
CA LEU A 272 14.32 -30.00 -22.06
C LEU A 272 15.77 -30.44 -22.23
N PRO A 273 16.04 -31.77 -22.33
CA PRO A 273 17.40 -32.27 -22.52
C PRO A 273 18.08 -31.68 -23.77
N ASP A 274 17.30 -31.52 -24.84
CA ASP A 274 17.77 -31.03 -26.17
C ASP A 274 18.08 -29.52 -26.14
N GLY A 275 17.84 -28.85 -24.99
CA GLY A 275 18.21 -27.44 -24.75
C GLY A 275 17.06 -26.48 -25.02
N THR A 276 15.90 -26.97 -25.48
CA THR A 276 14.74 -26.13 -25.84
C THR A 276 13.87 -25.91 -24.58
N TRP A 277 13.01 -24.90 -24.61
CA TRP A 277 12.18 -24.55 -23.43
C TRP A 277 10.71 -24.85 -23.73
N ASN A 278 9.97 -25.28 -22.71
CA ASN A 278 8.51 -25.50 -22.76
C ASN A 278 7.89 -24.91 -21.49
N LEU A 279 6.57 -24.72 -21.52
CA LEU A 279 5.77 -24.25 -20.37
C LEU A 279 5.85 -25.31 -19.27
N LYS A 280 6.00 -24.89 -18.00
CA LYS A 280 5.68 -25.75 -16.84
C LYS A 280 4.16 -25.92 -16.85
N LYS A 281 3.66 -27.14 -16.73
CA LYS A 281 2.22 -27.37 -16.45
C LYS A 281 1.88 -26.73 -15.09
N THR A 282 0.72 -26.11 -14.95
CA THR A 282 0.26 -25.50 -13.67
C THR A 282 -0.10 -26.62 -12.70
N LYS A 283 -0.06 -26.35 -11.39
CA LYS A 283 -0.57 -27.28 -10.36
C LYS A 283 -2.10 -27.21 -10.40
N ASP A 284 -2.76 -27.79 -11.42
CA ASP A 284 -4.22 -27.57 -11.62
C ASP A 284 -4.98 -28.42 -10.59
N GLU A 288 -6.61 -25.13 -18.60
CA GLU A 288 -5.82 -25.29 -19.85
C GLU A 288 -5.72 -23.92 -20.55
N TYR A 289 -4.70 -23.79 -21.37
CA TYR A 289 -4.39 -22.61 -22.20
C TYR A 289 -4.40 -23.06 -23.65
N LYS A 290 -4.55 -22.13 -24.60
CA LYS A 290 -4.35 -22.43 -26.04
C LYS A 290 -2.88 -22.71 -26.22
N PRO A 291 -2.52 -23.66 -27.11
CA PRO A 291 -1.11 -23.94 -27.44
C PRO A 291 -0.29 -22.67 -27.70
N PRO A 292 1.01 -22.65 -27.34
CA PRO A 292 1.83 -21.47 -27.52
C PRO A 292 1.73 -20.87 -28.94
N GLY A 293 1.43 -19.57 -29.04
CA GLY A 293 1.41 -18.82 -30.31
C GLY A 293 0.16 -19.07 -31.16
N THR A 294 -0.87 -19.80 -30.67
CA THR A 294 -2.07 -20.15 -31.48
C THR A 294 -3.17 -19.09 -31.33
N ARG A 295 -3.11 -18.19 -30.35
CA ARG A 295 -4.13 -17.13 -30.18
C ARG A 295 -3.60 -15.91 -30.97
N LYS A 296 -3.75 -15.93 -32.30
CA LYS A 296 -3.04 -14.97 -33.17
C LYS A 296 -3.63 -13.57 -32.97
N LEU A 297 -2.77 -12.57 -32.83
CA LEU A 297 -3.18 -11.14 -32.79
C LEU A 297 -3.97 -10.82 -34.07
N HIS A 298 -3.61 -11.44 -35.19
CA HIS A 298 -4.34 -11.33 -36.48
C HIS A 298 -5.85 -11.54 -36.27
N ASN A 299 -6.24 -12.56 -35.49
CA ASN A 299 -7.66 -12.87 -35.21
C ASN A 299 -8.22 -12.04 -34.06
N ILE A 300 -7.43 -11.73 -33.02
CA ILE A 300 -7.88 -10.87 -31.89
C ILE A 300 -8.29 -9.50 -32.46
N LEU A 301 -7.53 -8.97 -33.42
CA LEU A 301 -7.81 -7.65 -34.07
C LEU A 301 -8.87 -7.82 -35.17
N GLY A 302 -9.13 -9.05 -35.61
CA GLY A 302 -10.00 -9.36 -36.76
C GLY A 302 -9.58 -8.59 -37.99
N VAL A 303 -8.31 -8.72 -38.36
CA VAL A 303 -7.74 -8.02 -39.52
C VAL A 303 -8.60 -8.27 -40.77
N GLU A 304 -9.10 -9.48 -40.98
CA GLU A 304 -9.77 -9.89 -42.24
C GLU A 304 -11.24 -10.20 -42.01
N THR A 305 -11.72 -10.06 -40.77
CA THR A 305 -13.09 -10.49 -40.39
C THR A 305 -13.87 -9.31 -39.79
N GLY A 306 -13.62 -8.06 -40.23
CA GLY A 306 -14.43 -6.90 -39.80
C GLY A 306 -14.03 -6.37 -38.42
N GLY A 307 -12.76 -6.53 -38.04
CA GLY A 307 -12.26 -5.98 -36.77
C GLY A 307 -12.76 -6.73 -35.54
N PRO A 308 -12.55 -6.20 -34.32
CA PRO A 308 -12.99 -6.87 -33.11
C PRO A 308 -14.47 -7.27 -33.11
N GLY A 309 -14.74 -8.58 -32.91
CA GLY A 309 -16.08 -9.20 -32.94
C GLY A 309 -16.84 -8.91 -34.24
N GLY A 310 -16.17 -8.43 -35.29
CA GLY A 310 -16.75 -8.12 -36.60
C GLY A 310 -17.46 -6.79 -36.61
N ARG A 311 -17.30 -5.97 -35.57
CA ARG A 311 -18.14 -4.75 -35.35
C ARG A 311 -17.73 -3.58 -36.24
N ARG A 312 -16.63 -3.70 -36.99
CA ARG A 312 -16.13 -2.57 -37.80
C ARG A 312 -16.31 -2.85 -39.29
N ALA A 313 -16.96 -3.97 -39.63
CA ALA A 313 -17.15 -4.49 -41.01
C ALA A 313 -17.74 -3.38 -41.88
N GLY A 314 -17.02 -3.01 -42.95
CA GLY A 314 -17.42 -2.00 -43.94
C GLY A 314 -17.12 -0.57 -43.52
N GLU A 315 -17.15 -0.26 -42.20
CA GLU A 315 -16.90 1.10 -41.65
C GLU A 315 -15.64 1.67 -42.30
N SER A 316 -15.68 2.97 -42.65
CA SER A 316 -14.51 3.72 -43.17
C SER A 316 -13.43 3.76 -42.09
N GLY A 317 -12.16 3.76 -42.50
CA GLY A 317 -10.99 3.76 -41.59
C GLY A 317 -10.71 2.40 -40.96
N HIS A 318 -11.41 1.34 -41.37
CA HIS A 318 -11.22 -0.03 -40.82
C HIS A 318 -10.93 -1.04 -41.93
N THR A 319 -10.05 -0.70 -42.88
CA THR A 319 -9.71 -1.58 -44.03
C THR A 319 -8.69 -2.64 -43.59
N VAL A 320 -8.59 -3.72 -44.36
CA VAL A 320 -7.55 -4.77 -44.13
C VAL A 320 -6.16 -4.13 -44.08
N ALA A 321 -5.85 -3.22 -45.03
CA ALA A 321 -4.54 -2.50 -45.10
C ALA A 321 -4.29 -1.74 -43.80
N ASP A 322 -5.29 -1.03 -43.25
CA ASP A 322 -5.12 -0.21 -42.02
C ASP A 322 -4.76 -1.17 -40.87
N TYR A 323 -5.53 -2.26 -40.76
CA TYR A 323 -5.40 -3.34 -39.74
C TYR A 323 -4.05 -4.03 -39.80
N LEU A 324 -3.52 -4.29 -41.00
CA LEU A 324 -2.18 -4.95 -41.15
C LEU A 324 -1.08 -4.02 -40.62
N LYS A 325 -1.15 -2.72 -40.90
CA LYS A 325 -0.17 -1.75 -40.37
C LYS A 325 -0.25 -1.70 -38.84
N PHE A 326 -1.48 -1.68 -38.28
CA PHE A 326 -1.70 -1.63 -36.82
C PHE A 326 -1.09 -2.87 -36.19
N LYS A 327 -1.47 -4.04 -36.69
CA LYS A 327 -0.95 -5.34 -36.20
C LYS A 327 0.58 -5.38 -36.30
N ASP A 328 1.15 -4.95 -37.41
CA ASP A 328 2.63 -4.99 -37.57
C ASP A 328 3.28 -4.11 -36.49
N LEU A 329 2.80 -2.88 -36.26
CA LEU A 329 3.40 -1.97 -35.23
C LEU A 329 3.25 -2.58 -33.83
N ILE A 330 2.10 -3.17 -33.52
CA ILE A 330 1.84 -3.77 -32.19
C ILE A 330 2.83 -4.93 -31.95
N LEU A 331 2.96 -5.84 -32.90
CA LEU A 331 3.93 -6.97 -32.78
C LEU A 331 5.38 -6.46 -32.64
N ARG A 332 5.72 -5.27 -33.15
CA ARG A 332 7.06 -4.70 -32.92
C ARG A 332 7.15 -4.18 -31.47
N MET A 333 6.06 -3.61 -30.94
CA MET A 333 6.03 -3.17 -29.52
C MET A 333 6.03 -4.37 -28.57
N LEU A 334 5.54 -5.53 -28.97
CA LEU A 334 5.44 -6.74 -28.11
C LEU A 334 6.50 -7.80 -28.46
N ASP A 335 7.62 -7.37 -29.04
CA ASP A 335 8.86 -8.19 -29.20
C ASP A 335 9.34 -8.64 -27.82
N TYR A 336 9.57 -9.94 -27.62
CA TYR A 336 10.11 -10.53 -26.36
C TYR A 336 11.47 -9.95 -26.01
N ASP A 337 12.31 -9.65 -27.00
CA ASP A 337 13.70 -9.17 -26.82
C ASP A 337 13.69 -7.66 -26.58
N PRO A 338 14.00 -7.19 -25.35
CA PRO A 338 13.98 -5.75 -25.07
C PRO A 338 15.00 -4.98 -25.93
N LYS A 339 16.04 -5.66 -26.42
CA LYS A 339 17.08 -5.04 -27.29
C LYS A 339 16.53 -4.73 -28.68
N THR A 340 15.64 -5.55 -29.23
CA THR A 340 15.16 -5.31 -30.61
C THR A 340 13.75 -4.74 -30.60
N ARG A 341 13.08 -4.70 -29.44
CA ARG A 341 11.74 -4.05 -29.34
C ARG A 341 11.83 -2.66 -29.97
N ILE A 342 10.85 -2.30 -30.81
CA ILE A 342 10.84 -0.97 -31.50
C ILE A 342 10.94 0.15 -30.45
N GLN A 343 11.76 1.16 -30.75
CA GLN A 343 12.00 2.34 -29.88
C GLN A 343 11.12 3.49 -30.37
N PRO A 344 10.81 4.49 -29.51
CA PRO A 344 9.87 5.55 -29.86
C PRO A 344 10.18 6.27 -31.18
N TYR A 345 11.45 6.59 -31.44
CA TYR A 345 11.84 7.32 -32.66
C TYR A 345 11.35 6.56 -33.90
N TYR A 346 11.60 5.26 -33.91
CA TYR A 346 11.30 4.36 -35.06
C TYR A 346 9.79 4.11 -35.12
N ALA A 347 9.13 4.01 -33.97
CA ALA A 347 7.66 3.78 -33.89
C ALA A 347 6.95 4.90 -34.63
N LEU A 348 7.42 6.13 -34.46
CA LEU A 348 6.81 7.34 -35.07
C LEU A 348 7.00 7.32 -36.59
N GLN A 349 7.97 6.57 -37.11
CA GLN A 349 8.26 6.48 -38.56
C GLN A 349 7.45 5.35 -39.20
N HIS A 350 6.72 4.55 -38.40
CA HIS A 350 5.94 3.40 -38.92
C HIS A 350 4.82 3.84 -39.88
N SER A 351 4.52 3.00 -40.86
CA SER A 351 3.50 3.27 -41.93
C SER A 351 2.08 3.42 -41.35
N PHE A 352 1.83 2.97 -40.11
CA PHE A 352 0.55 3.18 -39.40
C PHE A 352 0.25 4.66 -39.24
N PHE A 353 1.27 5.51 -39.08
CA PHE A 353 1.15 6.97 -38.84
C PHE A 353 1.34 7.82 -40.09
N LYS A 354 1.53 7.25 -41.28
CA LYS A 354 1.86 8.03 -42.51
C LYS A 354 0.65 8.86 -42.96
N LYS A 355 0.84 10.18 -43.10
CA LYS A 355 -0.13 11.15 -43.69
C LYS A 355 -0.24 10.91 -45.20
N PRO B 16 -11.52 -8.33 -14.11
CA PRO B 16 -11.65 -7.56 -12.86
C PRO B 16 -10.48 -6.57 -12.67
N ARG B 17 -10.77 -5.36 -12.16
CA ARG B 17 -9.91 -4.15 -12.27
C ARG B 17 -9.44 -3.72 -10.87
N GLY B 18 -8.12 -3.65 -10.64
CA GLY B 18 -7.53 -3.29 -9.34
C GLY B 18 -7.44 -4.48 -8.39
N SEP B 19 -6.92 -4.26 -7.18
CA SEP B 19 -6.48 -5.35 -6.33
CB SEP B 19 -5.24 -4.94 -5.56
OG SEP B 19 -5.61 -3.79 -4.79
C SEP B 19 -7.57 -5.83 -5.38
O SEP B 19 -7.43 -6.88 -4.78
P SEP B 19 -5.09 -2.35 -5.27
O1P SEP B 19 -4.71 -1.63 -3.99
O2P SEP B 19 -6.27 -1.69 -5.99
O3P SEP B 19 -3.89 -2.61 -6.17
N HIS B 20 -8.64 -5.03 -5.20
CA HIS B 20 -9.67 -5.35 -4.22
C HIS B 20 -10.71 -6.30 -4.81
N MET B 21 -11.47 -6.99 -3.99
CA MET B 21 -12.57 -7.85 -4.48
C MET B 21 -13.84 -7.01 -4.58
N ILE B 22 -14.60 -7.17 -5.67
CA ILE B 22 -15.93 -6.51 -5.81
C ILE B 22 -16.87 -7.23 -4.82
N VAL B 23 -17.25 -6.56 -3.73
CA VAL B 23 -18.18 -7.14 -2.73
C VAL B 23 -19.59 -6.68 -3.09
N LYS B 24 -20.52 -7.63 -3.23
CA LYS B 24 -21.96 -7.35 -3.39
C LYS B 24 -22.63 -7.88 -2.14
N ASN B 25 -23.24 -7.01 -1.32
CA ASN B 25 -24.15 -7.41 -0.23
C ASN B 25 -25.19 -8.36 -0.84
N GLY B 26 -25.51 -9.44 -0.13
CA GLY B 26 -26.59 -10.37 -0.50
C GLY B 26 -26.07 -11.65 -1.13
N GLU B 27 -24.90 -11.59 -1.79
CA GLU B 27 -24.39 -12.74 -2.59
C GLU B 27 -23.90 -13.84 -1.64
N LYS B 28 -23.87 -15.08 -2.11
CA LYS B 28 -23.53 -16.27 -1.28
C LYS B 28 -22.32 -16.99 -1.90
N TRP B 29 -21.31 -17.31 -1.08
CA TRP B 29 -19.99 -17.82 -1.53
C TRP B 29 -19.88 -19.32 -1.27
N MET B 30 -19.51 -20.10 -2.29
CA MET B 30 -19.25 -21.56 -2.19
C MET B 30 -20.43 -22.24 -1.47
N ASP B 31 -21.65 -21.79 -1.78
CA ASP B 31 -22.91 -22.21 -1.10
C ASP B 31 -22.66 -22.34 0.40
N ARG B 32 -22.30 -21.26 1.08
CA ARG B 32 -21.92 -21.33 2.52
C ARG B 32 -22.01 -19.96 3.19
N TYR B 33 -21.33 -18.96 2.63
CA TYR B 33 -21.15 -17.64 3.26
C TYR B 33 -22.05 -16.62 2.57
N GLU B 34 -23.06 -16.13 3.29
CA GLU B 34 -23.94 -15.04 2.83
C GLU B 34 -23.31 -13.70 3.21
N ILE B 35 -22.86 -12.93 2.24
CA ILE B 35 -22.23 -11.62 2.48
C ILE B 35 -23.32 -10.63 2.94
N ASP B 36 -23.11 -9.98 4.09
CA ASP B 36 -24.03 -8.97 4.67
C ASP B 36 -23.52 -7.55 4.37
N SER B 37 -22.29 -7.25 4.80
CA SER B 37 -21.75 -5.86 4.76
C SER B 37 -20.22 -5.84 4.89
N LEU B 38 -19.64 -4.74 4.43
CA LEU B 38 -18.23 -4.34 4.64
C LEU B 38 -18.10 -3.79 6.07
N ILE B 39 -17.27 -4.40 6.93
CA ILE B 39 -17.15 -4.02 8.36
C ILE B 39 -15.73 -3.56 8.69
N GLY B 40 -14.86 -3.37 7.69
CA GLY B 40 -13.44 -3.14 7.98
C GLY B 40 -12.59 -2.99 6.73
N LYS B 41 -11.39 -2.45 6.91
CA LYS B 41 -10.48 -2.13 5.79
C LYS B 41 -9.11 -1.79 6.35
N GLY B 42 -8.10 -1.99 5.52
CA GLY B 42 -6.71 -1.63 5.81
C GLY B 42 -5.91 -1.70 4.53
N SER B 43 -4.60 -1.63 4.66
CA SER B 43 -3.66 -1.71 3.51
C SER B 43 -3.78 -3.09 2.86
N PHE B 44 -4.09 -4.12 3.68
CA PHE B 44 -4.20 -5.55 3.28
C PHE B 44 -5.40 -5.82 2.36
N GLY B 45 -6.46 -5.00 2.39
CA GLY B 45 -7.74 -5.35 1.76
C GLY B 45 -8.93 -5.00 2.63
N GLN B 46 -9.91 -5.91 2.72
CA GLN B 46 -11.28 -5.64 3.23
C GLN B 46 -11.61 -6.66 4.32
N VAL B 47 -12.54 -6.32 5.23
CA VAL B 47 -13.16 -7.34 6.12
C VAL B 47 -14.66 -7.27 5.91
N VAL B 48 -15.31 -8.43 5.72
CA VAL B 48 -16.78 -8.47 5.52
C VAL B 48 -17.43 -9.26 6.65
N LYS B 49 -18.63 -8.84 7.02
CA LYS B 49 -19.54 -9.64 7.86
C LYS B 49 -20.25 -10.64 6.94
N ALA B 50 -20.21 -11.92 7.28
CA ALA B 50 -20.87 -12.96 6.48
C ALA B 50 -21.51 -13.97 7.44
N TYR B 51 -22.65 -14.53 7.02
CA TYR B 51 -23.32 -15.61 7.79
C TYR B 51 -22.80 -16.93 7.25
N ASP B 52 -22.25 -17.76 8.11
CA ASP B 52 -21.81 -19.14 7.75
C ASP B 52 -23.00 -20.09 7.93
N ARG B 53 -23.71 -20.44 6.85
CA ARG B 53 -24.88 -21.37 6.92
C ARG B 53 -24.46 -22.72 7.52
N VAL B 54 -23.28 -23.22 7.18
CA VAL B 54 -22.80 -24.58 7.62
C VAL B 54 -22.63 -24.61 9.13
N GLU B 55 -21.96 -23.62 9.72
CA GLU B 55 -21.75 -23.58 11.20
C GLU B 55 -22.87 -22.78 11.87
N GLN B 56 -23.78 -22.18 11.11
CA GLN B 56 -24.94 -21.38 11.61
C GLN B 56 -24.40 -20.33 12.59
N GLU B 57 -23.52 -19.45 12.12
CA GLU B 57 -22.92 -18.37 12.95
C GLU B 57 -22.37 -17.25 12.06
N TRP B 58 -22.32 -16.05 12.63
CA TRP B 58 -21.69 -14.85 12.03
C TRP B 58 -20.17 -15.01 12.02
N VAL B 59 -19.52 -14.53 10.97
CA VAL B 59 -18.04 -14.58 10.84
C VAL B 59 -17.56 -13.27 10.25
N ALA B 60 -16.31 -12.91 10.55
CA ALA B 60 -15.59 -11.82 9.89
C ALA B 60 -14.66 -12.48 8.86
N ILE B 61 -14.77 -12.10 7.60
CA ILE B 61 -13.89 -12.64 6.54
C ILE B 61 -12.96 -11.52 6.12
N LYS B 62 -11.66 -11.71 6.38
CA LYS B 62 -10.61 -10.80 5.89
C LYS B 62 -10.25 -11.20 4.47
N ILE B 63 -10.46 -10.30 3.52
CA ILE B 63 -10.24 -10.56 2.07
C ILE B 63 -8.98 -9.83 1.67
N ILE B 64 -7.93 -10.60 1.42
CA ILE B 64 -6.59 -10.07 1.05
C ILE B 64 -6.68 -9.61 -0.40
N LYS B 65 -6.15 -8.42 -0.69
CA LYS B 65 -5.95 -7.88 -2.07
C LYS B 65 -5.26 -8.93 -2.95
N ASN B 66 -5.66 -9.00 -4.22
CA ASN B 66 -5.00 -9.86 -5.22
C ASN B 66 -3.75 -9.12 -5.70
N LYS B 67 -2.69 -9.17 -4.90
CA LYS B 67 -1.42 -8.46 -5.12
C LYS B 67 -0.36 -9.29 -4.40
N LYS B 68 0.70 -9.71 -5.09
CA LYS B 68 1.61 -10.77 -4.60
C LYS B 68 2.17 -10.39 -3.21
N ALA B 69 2.60 -9.15 -2.99
CA ALA B 69 3.21 -8.66 -1.72
C ALA B 69 2.24 -8.88 -0.54
N PHE B 70 0.95 -8.64 -0.74
CA PHE B 70 -0.10 -8.80 0.30
C PHE B 70 -0.42 -10.29 0.46
N LEU B 71 -0.43 -11.07 -0.62
CA LEU B 71 -0.65 -12.53 -0.55
C LEU B 71 0.49 -13.14 0.28
N ASN B 72 1.74 -12.84 -0.05
CA ASN B 72 2.93 -13.37 0.66
C ASN B 72 2.78 -13.06 2.16
N GLN B 73 2.49 -11.82 2.52
CA GLN B 73 2.43 -11.41 3.95
C GLN B 73 1.23 -12.10 4.63
N ALA B 74 0.09 -12.22 3.96
CA ALA B 74 -1.10 -12.95 4.49
C ALA B 74 -0.79 -14.45 4.73
N GLN B 75 0.09 -15.08 3.94
CA GLN B 75 0.44 -16.52 4.12
C GLN B 75 1.33 -16.67 5.38
N ILE B 76 2.18 -15.69 5.65
CA ILE B 76 2.89 -15.63 6.96
C ILE B 76 1.84 -15.45 8.07
N GLU B 77 0.87 -14.57 7.93
CA GLU B 77 -0.19 -14.39 8.96
C GLU B 77 -0.91 -15.74 9.21
N VAL B 78 -1.31 -16.44 8.15
CA VAL B 78 -2.02 -17.75 8.29
C VAL B 78 -1.11 -18.69 9.09
N ARG B 79 0.15 -18.83 8.69
CA ARG B 79 1.11 -19.74 9.36
C ARG B 79 1.27 -19.39 10.85
N LEU B 80 1.41 -18.10 11.22
CA LEU B 80 1.57 -17.71 12.65
C LEU B 80 0.26 -17.98 13.43
N LEU B 81 -0.89 -17.69 12.82
CA LEU B 81 -2.19 -17.95 13.52
C LEU B 81 -2.36 -19.46 13.73
N GLU B 82 -1.98 -20.29 12.76
CA GLU B 82 -2.16 -21.76 12.89
C GLU B 82 -1.19 -22.30 13.93
N LEU B 83 0.03 -21.76 13.99
CA LEU B 83 1.04 -22.11 15.01
C LEU B 83 0.47 -21.85 16.41
N MET B 84 -0.18 -20.71 16.60
CA MET B 84 -0.68 -20.25 17.92
C MET B 84 -1.84 -21.14 18.36
N ASN B 85 -2.68 -21.60 17.42
CA ASN B 85 -3.89 -22.40 17.74
C ASN B 85 -3.47 -23.82 18.19
N LYS B 86 -2.29 -24.29 17.78
CA LYS B 86 -1.76 -25.61 18.21
C LYS B 86 -1.25 -25.59 19.66
N HIS B 87 -1.41 -24.50 20.42
CA HIS B 87 -0.90 -24.45 21.83
C HIS B 87 -2.06 -24.68 22.81
N ASP B 88 -1.89 -25.63 23.74
CA ASP B 88 -2.85 -26.00 24.81
C ASP B 88 -2.57 -25.13 26.04
N THR B 89 -3.15 -23.93 26.06
CA THR B 89 -3.04 -22.87 27.09
C THR B 89 -4.29 -22.00 27.02
N GLU B 90 -4.77 -21.48 28.15
CA GLU B 90 -5.91 -20.51 28.20
C GLU B 90 -5.45 -19.15 27.67
N MET B 91 -4.13 -18.90 27.73
CA MET B 91 -3.48 -17.63 27.31
C MET B 91 -3.76 -17.33 25.83
N LYS B 92 -3.85 -18.37 24.99
CA LYS B 92 -3.99 -18.22 23.52
C LYS B 92 -5.34 -17.59 23.15
N TYR B 93 -6.28 -17.50 24.09
CA TYR B 93 -7.64 -16.98 23.83
C TYR B 93 -7.66 -15.45 23.83
N TYR B 94 -6.55 -14.79 24.16
CA TYR B 94 -6.41 -13.32 23.99
C TYR B 94 -6.03 -12.98 22.54
N ILE B 95 -5.74 -14.00 21.73
CA ILE B 95 -5.43 -13.86 20.27
C ILE B 95 -6.69 -14.25 19.49
N VAL B 96 -7.11 -13.45 18.51
CA VAL B 96 -8.25 -13.78 17.63
C VAL B 96 -8.07 -15.17 17.02
N HIS B 97 -9.17 -15.91 16.91
CA HIS B 97 -9.16 -17.31 16.42
C HIS B 97 -9.43 -17.33 14.90
N LEU B 98 -8.49 -17.88 14.16
CA LEU B 98 -8.65 -18.16 12.72
C LEU B 98 -9.43 -19.47 12.58
N LYS B 99 -10.63 -19.44 11.99
CA LYS B 99 -11.45 -20.66 11.85
C LYS B 99 -10.89 -21.48 10.68
N ARG B 100 -10.68 -20.84 9.53
CA ARG B 100 -10.19 -21.49 8.29
C ARG B 100 -9.77 -20.41 7.30
N HIS B 101 -9.19 -20.84 6.20
CA HIS B 101 -8.82 -19.95 5.08
C HIS B 101 -9.06 -20.73 3.79
N PHE B 102 -9.37 -20.02 2.70
CA PHE B 102 -9.55 -20.55 1.33
C PHE B 102 -9.24 -19.44 0.32
N MET B 103 -8.98 -19.84 -0.91
CA MET B 103 -8.92 -18.95 -2.10
C MET B 103 -10.33 -18.82 -2.66
N PHE B 104 -10.73 -17.62 -3.03
CA PHE B 104 -12.00 -17.34 -3.72
C PHE B 104 -11.82 -16.14 -4.65
N ARG B 105 -11.99 -16.36 -5.96
CA ARG B 105 -11.91 -15.31 -7.00
C ARG B 105 -10.53 -14.62 -6.96
N ASN B 106 -9.50 -15.42 -6.70
CA ASN B 106 -8.04 -15.06 -6.76
C ASN B 106 -7.66 -14.24 -5.53
N HIS B 107 -8.45 -14.28 -4.45
CA HIS B 107 -8.11 -13.65 -3.16
C HIS B 107 -7.95 -14.70 -2.07
N LEU B 108 -6.93 -14.57 -1.25
CA LEU B 108 -6.85 -15.32 0.02
C LEU B 108 -7.89 -14.75 1.00
N CYS B 109 -8.72 -15.61 1.58
CA CYS B 109 -9.82 -15.22 2.49
C CYS B 109 -9.62 -15.89 3.85
N LEU B 110 -9.48 -15.09 4.92
CA LEU B 110 -9.26 -15.61 6.30
C LEU B 110 -10.55 -15.45 7.11
N VAL B 111 -11.04 -16.53 7.71
CA VAL B 111 -12.34 -16.54 8.41
C VAL B 111 -12.07 -16.52 9.91
N PHE B 112 -12.59 -15.50 10.57
CA PHE B 112 -12.42 -15.28 12.03
C PHE B 112 -13.79 -15.31 12.72
N GLU B 113 -13.80 -15.56 14.02
CA GLU B 113 -14.95 -15.23 14.90
C GLU B 113 -15.24 -13.74 14.74
N MET B 114 -16.53 -13.38 14.83
CA MET B 114 -16.95 -11.95 14.87
C MET B 114 -16.62 -11.36 16.24
N LEU B 115 -15.99 -10.20 16.29
CA LEU B 115 -15.71 -9.48 17.55
C LEU B 115 -16.50 -8.17 17.55
N SER B 116 -16.32 -7.34 18.59
CA SER B 116 -17.03 -6.05 18.75
C SER B 116 -16.07 -4.90 18.41
N TYR B 117 -16.22 -3.71 18.97
CA TYR B 117 -15.46 -2.56 18.43
C TYR B 117 -14.08 -2.49 19.13
N ASN B 118 -13.24 -1.69 18.51
CA ASN B 118 -11.81 -1.56 18.87
C ASN B 118 -11.69 -0.51 19.98
N LEU B 119 -10.54 -0.48 20.64
CA LEU B 119 -10.30 0.40 21.81
C LEU B 119 -10.31 1.86 21.38
N TYR B 120 -10.02 2.20 20.13
CA TYR B 120 -10.14 3.60 19.70
C TYR B 120 -11.61 4.03 19.67
N ASP B 121 -12.50 3.17 19.15
CA ASP B 121 -13.97 3.44 19.13
C ASP B 121 -14.44 3.68 20.57
N LEU B 122 -13.98 2.86 21.51
CA LEU B 122 -14.30 2.99 22.95
C LEU B 122 -13.87 4.38 23.44
N LEU B 123 -12.66 4.84 23.12
CA LEU B 123 -12.19 6.20 23.48
C LEU B 123 -13.08 7.26 22.82
N ARG B 124 -13.44 7.08 21.55
CA ARG B 124 -14.34 8.01 20.82
C ARG B 124 -15.69 8.09 21.54
N ASN B 125 -16.19 6.99 22.11
CA ASN B 125 -17.46 6.95 22.87
C ASN B 125 -17.37 7.88 24.08
N THR B 126 -16.18 8.03 24.69
CA THR B 126 -15.96 8.87 25.91
C THR B 126 -15.67 10.32 25.53
N ASN B 127 -15.77 10.70 24.26
CA ASN B 127 -15.32 12.01 23.70
C ASN B 127 -13.84 12.24 24.04
N PHE B 128 -13.05 11.16 24.08
CA PHE B 128 -11.58 11.14 24.33
C PHE B 128 -11.25 11.72 25.69
N ARG B 129 -12.12 11.51 26.68
CA ARG B 129 -11.85 11.91 28.08
C ARG B 129 -11.04 10.79 28.75
N GLY B 130 -10.98 9.62 28.10
CA GLY B 130 -10.30 8.41 28.61
C GLY B 130 -11.24 7.49 29.35
N VAL B 131 -10.85 6.24 29.52
CA VAL B 131 -11.54 5.25 30.40
C VAL B 131 -10.86 5.30 31.76
N SER B 132 -11.46 4.66 32.75
CA SER B 132 -11.01 4.74 34.16
C SER B 132 -9.71 3.97 34.31
N LEU B 133 -8.94 4.30 35.34
CA LEU B 133 -7.74 3.53 35.73
C LEU B 133 -8.12 2.05 35.94
N ASN B 134 -9.30 1.77 36.49
CA ASN B 134 -9.77 0.37 36.75
C ASN B 134 -9.93 -0.39 35.42
N LEU B 135 -10.51 0.22 34.40
CA LEU B 135 -10.72 -0.44 33.09
C LEU B 135 -9.35 -0.53 32.36
N THR B 136 -8.53 0.53 32.43
CA THR B 136 -7.14 0.54 31.92
C THR B 136 -6.39 -0.65 32.49
N ARG B 137 -6.55 -0.94 33.79
CA ARG B 137 -5.84 -2.05 34.46
C ARG B 137 -6.30 -3.37 33.84
N LYS B 138 -7.60 -3.49 33.56
CA LYS B 138 -8.15 -4.77 33.06
C LYS B 138 -7.60 -5.04 31.66
N PHE B 139 -7.46 -4.00 30.84
CA PHE B 139 -6.88 -4.11 29.47
C PHE B 139 -5.41 -4.48 29.60
N ALA B 140 -4.69 -3.79 30.49
CA ALA B 140 -3.25 -4.00 30.72
C ALA B 140 -2.97 -5.46 31.08
N GLN B 141 -3.76 -6.06 31.99
CA GLN B 141 -3.50 -7.45 32.48
C GLN B 141 -3.67 -8.47 31.34
N GLN B 142 -4.72 -8.32 30.55
CA GLN B 142 -5.01 -9.18 29.38
C GLN B 142 -3.89 -9.03 28.32
N MET B 143 -3.48 -7.80 28.04
CA MET B 143 -2.46 -7.50 27.00
C MET B 143 -1.12 -8.10 27.41
N CYS B 144 -0.75 -7.97 28.69
CA CYS B 144 0.50 -8.56 29.23
C CYS B 144 0.45 -10.08 29.16
N THR B 145 -0.71 -10.67 29.43
CA THR B 145 -0.90 -12.14 29.32
C THR B 145 -0.75 -12.56 27.84
N ALA B 146 -1.26 -11.76 26.90
CA ALA B 146 -1.18 -12.06 25.45
C ALA B 146 0.29 -11.99 25.01
N LEU B 147 1.03 -10.97 25.45
CA LEU B 147 2.49 -10.84 25.17
C LEU B 147 3.28 -11.99 25.82
N LEU B 148 2.87 -12.46 26.99
CA LEU B 148 3.51 -13.64 27.65
C LEU B 148 3.34 -14.86 26.75
N PHE B 149 2.15 -15.07 26.21
CA PHE B 149 1.86 -16.20 25.28
C PHE B 149 2.73 -16.05 24.03
N LEU B 150 2.81 -14.87 23.45
CA LEU B 150 3.60 -14.66 22.20
C LEU B 150 5.08 -14.92 22.49
N ALA B 151 5.54 -14.72 23.73
CA ALA B 151 6.97 -14.89 24.11
C ALA B 151 7.33 -16.35 24.37
N THR B 152 6.38 -17.29 24.36
CA THR B 152 6.65 -18.76 24.39
C THR B 152 7.77 -19.07 23.39
N PRO B 153 8.87 -19.73 23.79
CA PRO B 153 10.01 -19.95 22.91
C PRO B 153 9.68 -20.48 21.50
N GLU B 154 8.85 -21.55 21.40
CA GLU B 154 8.43 -22.21 20.14
C GLU B 154 7.61 -21.24 19.27
N LEU B 155 7.05 -20.17 19.84
CA LEU B 155 6.35 -19.10 19.09
C LEU B 155 7.31 -17.94 18.80
N SER B 156 7.74 -17.21 19.82
CA SER B 156 8.62 -16.01 19.68
C SER B 156 8.05 -15.05 18.63
N ILE B 157 6.77 -14.74 18.73
CA ILE B 157 6.06 -13.87 17.74
C ILE B 157 6.14 -12.41 18.23
N ILE B 158 6.60 -11.54 17.33
CA ILE B 158 6.51 -10.07 17.46
C ILE B 158 5.30 -9.63 16.65
N HIS B 159 4.31 -9.02 17.30
CA HIS B 159 3.07 -8.57 16.63
C HIS B 159 3.41 -7.47 15.61
N CYS B 160 4.18 -6.46 16.03
CA CYS B 160 4.80 -5.37 15.22
C CYS B 160 3.80 -4.29 14.80
N ASP B 161 2.54 -4.35 15.26
CA ASP B 161 1.52 -3.35 14.86
C ASP B 161 0.49 -3.19 15.97
N LEU B 162 0.90 -3.21 17.24
CA LEU B 162 -0.07 -2.95 18.34
C LEU B 162 -0.45 -1.48 18.29
N LYS B 163 -1.76 -1.27 18.29
CA LYS B 163 -2.44 0.05 18.32
C LYS B 163 -3.87 -0.22 18.76
N PRO B 164 -4.58 0.80 19.28
CA PRO B 164 -5.95 0.59 19.77
C PRO B 164 -6.88 -0.04 18.73
N GLU B 165 -6.67 0.29 17.45
CA GLU B 165 -7.49 -0.22 16.32
C GLU B 165 -7.31 -1.74 16.19
N ASN B 166 -6.23 -2.32 16.72
CA ASN B 166 -5.96 -3.78 16.57
C ASN B 166 -6.25 -4.53 17.86
N ILE B 167 -6.93 -3.90 18.81
CA ILE B 167 -7.40 -4.55 20.05
C ILE B 167 -8.91 -4.38 20.09
N LEU B 168 -9.63 -5.49 20.12
CA LEU B 168 -11.10 -5.56 19.95
C LEU B 168 -11.75 -6.18 21.19
N LEU B 169 -12.83 -5.57 21.67
CA LEU B 169 -13.71 -6.18 22.70
C LEU B 169 -14.36 -7.43 22.08
N CYS B 170 -14.49 -8.49 22.86
CA CYS B 170 -15.28 -9.68 22.46
C CYS B 170 -16.77 -9.28 22.37
N ASN B 171 -17.20 -8.40 23.28
CA ASN B 171 -18.62 -8.04 23.53
C ASN B 171 -18.69 -6.58 23.95
N PRO B 172 -19.64 -5.78 23.43
CA PRO B 172 -19.70 -4.35 23.72
C PRO B 172 -19.98 -4.00 25.19
N LYS B 173 -20.47 -4.95 25.98
CA LYS B 173 -20.88 -4.70 27.39
C LYS B 173 -19.75 -5.12 28.35
N ARG B 174 -18.75 -5.86 27.90
CA ARG B 174 -17.75 -6.40 28.86
C ARG B 174 -16.34 -5.93 28.47
N SER B 175 -15.34 -6.25 29.29
CA SER B 175 -13.97 -5.70 29.22
C SER B 175 -13.00 -6.68 28.53
N ALA B 176 -13.45 -7.91 28.20
CA ALA B 176 -12.62 -8.98 27.58
C ALA B 176 -12.14 -8.50 26.20
N ILE B 177 -10.87 -8.68 25.88
CA ILE B 177 -10.32 -8.22 24.59
C ILE B 177 -9.60 -9.34 23.85
N LYS B 178 -9.37 -9.13 22.56
CA LYS B 178 -8.49 -9.98 21.73
C LYS B 178 -7.67 -9.10 20.80
N ILE B 179 -6.45 -9.56 20.51
CA ILE B 179 -5.54 -8.88 19.56
C ILE B 179 -5.82 -9.44 18.18
N VAL B 180 -5.94 -8.57 17.19
CA VAL B 180 -6.11 -8.99 15.77
C VAL B 180 -4.93 -8.49 14.93
N ASP B 181 -4.86 -9.00 13.70
CA ASP B 181 -4.00 -8.55 12.58
C ASP B 181 -2.55 -8.91 12.85
N PHE B 182 -2.15 -10.10 12.37
CA PHE B 182 -0.75 -10.58 12.47
C PHE B 182 -0.09 -10.47 11.08
N GLY B 183 -0.56 -9.53 10.27
CA GLY B 183 -0.10 -9.35 8.88
C GLY B 183 1.21 -8.59 8.80
N SER B 184 1.66 -7.87 9.85
CA SER B 184 3.01 -7.25 9.92
C SER B 184 3.95 -8.13 10.78
N SER B 185 3.45 -9.23 11.30
CA SER B 185 4.09 -9.98 12.41
C SER B 185 5.22 -10.83 11.85
N CYS B 186 6.24 -11.09 12.69
CA CYS B 186 7.34 -12.01 12.37
C CYS B 186 7.77 -12.76 13.61
N GLN B 187 8.49 -13.86 13.41
CA GLN B 187 9.14 -14.61 14.49
C GLN B 187 10.52 -14.01 14.70
N LEU B 188 11.04 -14.11 15.91
CA LEU B 188 12.41 -13.67 16.27
C LEU B 188 13.37 -14.29 15.24
N GLY B 189 14.25 -13.48 14.63
CA GLY B 189 15.23 -13.95 13.62
C GLY B 189 14.71 -13.85 12.19
N GLN B 190 13.44 -13.49 11.96
CA GLN B 190 12.87 -13.46 10.58
C GLN B 190 12.32 -12.07 10.26
N ARG B 191 13.00 -11.03 10.76
CA ARG B 191 12.74 -9.61 10.44
C ARG B 191 12.90 -9.44 8.93
N ILE B 192 11.89 -8.93 8.27
CA ILE B 192 11.92 -8.58 6.82
C ILE B 192 11.63 -7.10 6.63
N TYR B 193 10.99 -6.41 7.57
CA TYR B 193 10.67 -4.96 7.44
C TYR B 193 11.51 -4.10 8.39
N GLN B 194 12.20 -3.10 7.86
CA GLN B 194 12.93 -2.08 8.67
C GLN B 194 11.92 -1.04 9.19
N PTR B 195 10.85 -0.79 8.43
CA PTR B 195 9.90 0.25 8.80
C PTR B 195 8.60 -0.42 9.20
O PTR B 195 7.88 -0.93 8.36
CB PTR B 195 9.79 1.24 7.64
CG PTR B 195 8.72 2.31 7.73
CD1 PTR B 195 7.42 2.04 7.31
CD2 PTR B 195 9.01 3.60 8.14
CE1 PTR B 195 6.44 3.02 7.35
CE2 PTR B 195 8.04 4.59 8.19
CZ PTR B 195 6.75 4.28 7.80
OH PTR B 195 5.71 5.22 7.71
P PTR B 195 5.19 6.23 8.79
O1P PTR B 195 4.40 5.41 9.77
O2P PTR B 195 4.27 7.08 8.01
O3P PTR B 195 6.21 7.09 9.47
N ILE B 196 8.37 -0.53 10.52
CA ILE B 196 7.22 -1.21 11.09
C ILE B 196 6.68 -0.41 12.28
N GLN B 197 5.54 -0.87 12.80
CA GLN B 197 4.74 -0.29 13.93
C GLN B 197 4.03 0.94 13.39
N SER B 198 2.84 1.22 13.88
CA SER B 198 2.10 2.48 13.67
C SER B 198 2.91 3.56 14.41
N ARG B 199 3.12 4.71 13.77
CA ARG B 199 4.06 5.77 14.21
C ARG B 199 3.93 6.11 15.71
N PHE B 200 2.74 6.44 16.20
CA PHE B 200 2.54 6.86 17.61
C PHE B 200 3.04 5.78 18.59
N TYR B 201 3.02 4.51 18.19
CA TYR B 201 3.30 3.33 19.04
C TYR B 201 4.65 2.71 18.66
N ARG B 202 5.47 3.43 17.91
CA ARG B 202 6.74 2.90 17.35
C ARG B 202 7.85 3.06 18.39
N SER B 203 8.55 1.96 18.67
CA SER B 203 9.65 1.88 19.65
C SER B 203 10.87 2.65 19.17
N PRO B 204 11.70 3.14 20.11
CA PRO B 204 12.93 3.87 19.77
C PRO B 204 13.88 3.02 18.89
N GLU B 205 14.02 1.73 19.17
CA GLU B 205 14.89 0.83 18.37
C GLU B 205 14.45 0.85 16.89
N VAL B 206 13.16 0.84 16.58
CA VAL B 206 12.67 0.86 15.18
C VAL B 206 12.93 2.25 14.59
N LEU B 207 12.61 3.33 15.29
CA LEU B 207 12.93 4.71 14.82
C LEU B 207 14.43 4.85 14.51
N LEU B 208 15.28 4.16 15.26
CA LEU B 208 16.75 4.27 15.16
C LEU B 208 17.32 3.30 14.14
N GLY B 209 16.47 2.48 13.51
CA GLY B 209 16.85 1.55 12.43
C GLY B 209 17.61 0.35 13.00
N MET B 210 17.41 0.04 14.28
CA MET B 210 18.15 -1.10 14.89
C MET B 210 17.38 -2.39 14.66
N PRO B 211 18.05 -3.56 14.77
CA PRO B 211 17.34 -4.83 14.81
C PRO B 211 16.47 -4.88 16.07
N TYR B 212 15.33 -5.55 16.00
CA TYR B 212 14.34 -5.51 17.10
C TYR B 212 13.92 -6.93 17.47
N ASP B 213 13.26 -7.02 18.62
CA ASP B 213 12.82 -8.31 19.22
C ASP B 213 11.44 -8.07 19.87
N LEU B 214 10.98 -8.97 20.73
CA LEU B 214 9.59 -8.92 21.27
C LEU B 214 9.40 -7.67 22.12
N ALA B 215 10.47 -7.06 22.64
CA ALA B 215 10.39 -5.86 23.49
C ALA B 215 9.68 -4.69 22.79
N ILE B 216 9.68 -4.62 21.45
CA ILE B 216 9.00 -3.46 20.75
C ILE B 216 7.49 -3.47 21.07
N ASP B 217 6.87 -4.64 21.26
CA ASP B 217 5.41 -4.73 21.54
C ASP B 217 5.13 -4.14 22.94
N MET B 218 6.06 -4.37 23.89
CA MET B 218 5.90 -3.86 25.27
C MET B 218 5.92 -2.33 25.24
N TRP B 219 6.78 -1.74 24.43
CA TRP B 219 6.83 -0.27 24.19
C TRP B 219 5.46 0.19 23.72
N SER B 220 4.94 -0.44 22.67
CA SER B 220 3.62 -0.09 22.10
C SER B 220 2.60 -0.16 23.22
N LEU B 221 2.60 -1.24 24.01
CA LEU B 221 1.57 -1.41 25.06
C LEU B 221 1.64 -0.22 26.03
N GLY B 222 2.85 0.22 26.40
CA GLY B 222 3.06 1.38 27.29
C GLY B 222 2.30 2.58 26.79
N CYS B 223 2.51 2.92 25.52
CA CYS B 223 1.86 4.07 24.82
C CYS B 223 0.35 3.91 24.81
N ILE B 224 -0.13 2.71 24.52
CA ILE B 224 -1.58 2.40 24.38
C ILE B 224 -2.26 2.64 25.74
N LEU B 225 -1.65 2.19 26.84
CA LEU B 225 -2.30 2.26 28.17
C LEU B 225 -2.44 3.73 28.60
N VAL B 226 -1.48 4.57 28.27
CA VAL B 226 -1.53 6.01 28.66
C VAL B 226 -2.64 6.67 27.85
N GLU B 227 -2.70 6.37 26.55
CA GLU B 227 -3.75 6.91 25.65
C GLU B 227 -5.14 6.47 26.13
N MET B 228 -5.30 5.23 26.60
CA MET B 228 -6.61 4.69 27.05
C MET B 228 -7.08 5.49 28.29
N HIS B 229 -6.17 5.90 29.18
CA HIS B 229 -6.55 6.65 30.41
C HIS B 229 -6.72 8.14 30.11
N THR B 230 -5.87 8.76 29.27
CA THR B 230 -5.90 10.22 29.04
C THR B 230 -6.84 10.54 27.89
N GLY B 231 -7.09 9.59 26.98
CA GLY B 231 -7.90 9.79 25.76
C GLY B 231 -7.09 10.33 24.59
N GLU B 232 -5.79 10.64 24.80
CA GLU B 232 -4.91 11.32 23.83
C GLU B 232 -3.66 10.47 23.58
N PRO B 233 -3.16 10.36 22.34
CA PRO B 233 -1.87 9.70 22.10
C PRO B 233 -0.75 10.32 22.96
N LEU B 234 0.04 9.49 23.64
CA LEU B 234 1.21 9.94 24.43
C LEU B 234 2.21 10.64 23.50
N PHE B 235 2.54 10.03 22.35
CA PHE B 235 3.52 10.58 21.37
C PHE B 235 2.87 10.69 19.98
N SER B 236 2.34 11.86 19.62
CA SER B 236 1.57 12.06 18.37
C SER B 236 2.45 12.65 17.27
N GLY B 237 3.49 11.94 16.84
CA GLY B 237 4.42 12.44 15.82
C GLY B 237 3.71 12.54 14.47
N ALA B 238 3.99 13.60 13.71
CA ALA B 238 3.46 13.80 12.34
C ALA B 238 4.38 13.11 11.33
N ASN B 239 5.57 12.72 11.77
CA ASN B 239 6.67 12.08 10.99
C ASN B 239 7.67 11.49 11.99
N GLU B 240 8.68 10.76 11.51
CA GLU B 240 9.65 10.05 12.37
C GLU B 240 10.44 11.06 13.25
N VAL B 241 10.89 12.18 12.71
CA VAL B 241 11.71 13.18 13.49
C VAL B 241 10.82 13.74 14.61
N ASP B 242 9.60 14.14 14.29
CA ASP B 242 8.63 14.68 15.29
C ASP B 242 8.34 13.59 16.32
N GLN B 243 8.20 12.32 15.91
CA GLN B 243 7.93 11.20 16.84
C GLN B 243 9.08 11.10 17.85
N MET B 244 10.32 10.96 17.37
CA MET B 244 11.49 10.83 18.28
C MET B 244 11.59 12.08 19.18
N ASN B 245 11.30 13.27 18.66
CA ASN B 245 11.40 14.52 19.47
C ASN B 245 10.37 14.47 20.58
N LYS B 246 9.16 13.99 20.30
CA LYS B 246 8.09 13.92 21.33
C LYS B 246 8.50 12.89 22.39
N ILE B 247 9.18 11.81 22.01
CA ILE B 247 9.62 10.77 22.98
C ILE B 247 10.66 11.42 23.90
N VAL B 248 11.59 12.20 23.34
CA VAL B 248 12.75 12.80 24.11
C VAL B 248 12.20 13.85 25.08
N GLU B 249 11.18 14.60 24.66
CA GLU B 249 10.45 15.56 25.53
C GLU B 249 10.12 14.89 26.86
N VAL B 250 9.68 13.63 26.83
CA VAL B 250 9.19 12.91 28.04
C VAL B 250 10.31 12.13 28.71
N LEU B 251 11.22 11.49 27.96
CA LEU B 251 12.12 10.45 28.50
C LEU B 251 13.59 10.88 28.49
N GLY B 252 13.93 12.05 27.94
CA GLY B 252 15.32 12.53 27.82
C GLY B 252 16.04 11.90 26.63
N ILE B 253 17.31 12.28 26.40
CA ILE B 253 18.18 11.76 25.32
C ILE B 253 18.42 10.27 25.60
N PRO B 254 18.26 9.36 24.62
CA PRO B 254 18.54 7.94 24.82
C PRO B 254 19.97 7.70 25.31
N PRO B 255 20.24 6.54 25.96
CA PRO B 255 21.58 6.22 26.43
C PRO B 255 22.59 6.15 25.27
N ALA B 256 23.80 6.68 25.52
CA ALA B 256 24.95 6.74 24.59
C ALA B 256 25.28 5.34 24.05
N HIS B 257 25.24 4.29 24.86
CA HIS B 257 25.57 2.91 24.41
C HIS B 257 24.54 2.41 23.38
N ILE B 258 23.30 2.89 23.42
CA ILE B 258 22.28 2.59 22.36
C ILE B 258 22.58 3.44 21.12
N LEU B 259 22.71 4.74 21.27
CA LEU B 259 22.90 5.63 20.09
C LEU B 259 24.20 5.33 19.34
N ASP B 260 25.23 4.82 20.02
CA ASP B 260 26.56 4.45 19.45
C ASP B 260 26.42 3.29 18.44
N GLN B 261 25.39 2.44 18.54
CA GLN B 261 25.20 1.26 17.66
C GLN B 261 23.98 1.47 16.75
N ALA B 262 23.40 2.67 16.71
CA ALA B 262 22.13 2.93 15.98
C ALA B 262 22.41 3.48 14.59
N PRO B 263 21.96 2.76 13.53
CA PRO B 263 22.12 3.23 12.16
C PRO B 263 21.58 4.63 11.89
N LYS B 264 20.45 5.01 12.49
CA LYS B 264 19.83 6.31 12.15
C LYS B 264 19.97 7.29 13.30
N ALA B 265 20.92 7.10 14.21
CA ALA B 265 21.20 8.05 15.32
C ALA B 265 21.28 9.47 14.76
N ARG B 266 21.95 9.67 13.61
CA ARG B 266 22.27 11.03 13.11
C ARG B 266 21.09 11.64 12.37
N LYS B 267 20.00 10.91 12.19
CA LYS B 267 18.72 11.51 11.75
C LYS B 267 18.15 12.44 12.84
N PHE B 268 18.49 12.24 14.12
CA PHE B 268 17.83 12.89 15.26
C PHE B 268 18.83 13.63 16.16
N PHE B 269 20.03 13.07 16.28
CA PHE B 269 21.03 13.41 17.33
C PHE B 269 22.37 13.70 16.67
N GLU B 270 23.22 14.45 17.40
CA GLU B 270 24.62 14.74 17.02
C GLU B 270 25.56 14.39 18.18
N LYS B 271 26.69 13.75 17.88
CA LYS B 271 27.76 13.46 18.86
C LYS B 271 28.61 14.74 19.05
N LEU B 272 28.84 15.13 20.31
CA LEU B 272 29.69 16.28 20.69
C LEU B 272 31.15 15.84 20.66
N PRO B 273 32.12 16.78 20.64
CA PRO B 273 33.52 16.43 20.73
C PRO B 273 33.84 15.67 22.04
N ASP B 274 33.13 15.99 23.12
CA ASP B 274 33.35 15.40 24.47
C ASP B 274 32.76 13.98 24.55
N GLY B 275 32.09 13.48 23.50
CA GLY B 275 31.63 12.08 23.40
C GLY B 275 30.23 11.88 23.96
N THR B 276 29.43 12.93 24.09
CA THR B 276 28.01 12.83 24.53
C THR B 276 27.10 13.08 23.33
N TRP B 277 25.80 12.81 23.47
CA TRP B 277 24.84 13.05 22.35
C TRP B 277 23.89 14.18 22.72
N ASN B 278 23.56 15.04 21.76
CA ASN B 278 22.51 16.09 21.85
C ASN B 278 21.53 15.96 20.67
N LEU B 279 20.34 16.55 20.79
CA LEU B 279 19.39 16.76 19.67
C LEU B 279 20.04 17.67 18.62
N LYS B 280 19.73 17.49 17.33
CA LYS B 280 20.20 18.43 16.27
C LYS B 280 19.60 19.84 16.49
N GLU B 288 9.75 23.73 17.54
CA GLU B 288 9.88 24.14 18.96
C GLU B 288 9.44 23.00 19.88
N TYR B 289 10.35 22.37 20.62
CA TYR B 289 10.04 21.29 21.59
C TYR B 289 10.48 21.72 22.99
N LYS B 290 9.83 21.10 23.98
CA LYS B 290 10.19 21.25 25.41
C LYS B 290 11.53 20.56 25.60
N PRO B 291 12.42 21.14 26.44
CA PRO B 291 13.72 20.54 26.74
C PRO B 291 13.67 19.05 27.08
N PRO B 292 14.70 18.24 26.70
CA PRO B 292 14.69 16.80 26.94
C PRO B 292 14.31 16.42 28.37
N GLY B 293 13.31 15.55 28.54
CA GLY B 293 12.90 15.00 29.85
C GLY B 293 12.06 15.97 30.68
N THR B 294 11.65 17.13 30.16
CA THR B 294 10.90 18.18 30.91
C THR B 294 9.41 18.17 30.55
N ARG B 295 8.90 17.09 29.93
CA ARG B 295 7.44 16.82 29.83
C ARG B 295 7.20 15.55 30.67
N LYS B 296 7.06 15.72 31.98
CA LYS B 296 6.99 14.63 32.96
C LYS B 296 5.68 13.86 32.73
N LEU B 297 5.78 12.53 32.66
CA LEU B 297 4.62 11.62 32.66
C LEU B 297 3.75 11.96 33.88
N HIS B 298 4.37 12.32 35.00
CA HIS B 298 3.73 12.77 36.26
C HIS B 298 2.66 13.83 35.95
N ASN B 299 2.96 14.82 35.12
CA ASN B 299 2.00 15.91 34.78
C ASN B 299 1.06 15.51 33.62
N ILE B 300 1.52 14.74 32.63
CA ILE B 300 0.64 14.20 31.55
C ILE B 300 -0.51 13.41 32.17
N LEU B 301 -0.20 12.57 33.18
CA LEU B 301 -1.18 11.69 33.86
C LEU B 301 -1.96 12.53 34.89
N GLY B 302 -1.47 13.73 35.23
CA GLY B 302 -2.02 14.56 36.33
C GLY B 302 -2.06 13.80 37.64
N VAL B 303 -0.95 13.18 38.05
CA VAL B 303 -0.94 12.28 39.24
C VAL B 303 -1.48 13.05 40.45
N GLU B 304 -1.13 14.32 40.61
CA GLU B 304 -1.42 15.12 41.84
C GLU B 304 -2.43 16.24 41.54
N THR B 305 -2.92 16.36 40.31
CA THR B 305 -3.83 17.48 39.90
C THR B 305 -5.11 16.89 39.31
N GLY B 306 -5.61 15.79 39.87
CA GLY B 306 -6.93 15.22 39.54
C GLY B 306 -6.95 14.43 38.22
N GLY B 307 -5.81 13.86 37.81
CA GLY B 307 -5.75 12.97 36.63
C GLY B 307 -5.86 13.77 35.32
N PRO B 308 -6.09 13.08 34.18
CA PRO B 308 -6.17 13.77 32.89
C PRO B 308 -7.21 14.90 32.87
N GLY B 309 -6.78 16.11 32.53
CA GLY B 309 -7.63 17.32 32.51
C GLY B 309 -8.28 17.63 33.86
N GLY B 310 -7.84 16.99 34.95
CA GLY B 310 -8.42 17.13 36.31
C GLY B 310 -9.74 16.38 36.47
N ARG B 311 -10.09 15.47 35.56
CA ARG B 311 -11.46 14.85 35.48
C ARG B 311 -11.64 13.72 36.49
N ARG B 312 -10.62 13.35 37.25
CA ARG B 312 -10.66 12.13 38.11
C ARG B 312 -10.54 12.54 39.59
N ALA B 313 -10.50 13.85 39.86
CA ALA B 313 -10.31 14.43 41.22
C ALA B 313 -11.35 13.85 42.18
N GLY B 314 -10.89 13.20 43.25
CA GLY B 314 -11.74 12.65 44.31
C GLY B 314 -12.26 11.25 43.99
N GLU B 315 -12.47 10.93 42.70
CA GLU B 315 -13.06 9.65 42.24
C GLU B 315 -12.32 8.50 42.94
N SER B 316 -13.07 7.47 43.37
CA SER B 316 -12.51 6.20 43.91
C SER B 316 -11.69 5.52 42.82
N GLY B 317 -10.61 4.82 43.19
CA GLY B 317 -9.71 4.12 42.26
C GLY B 317 -8.76 5.06 41.51
N HIS B 318 -8.77 6.35 41.82
CA HIS B 318 -7.93 7.39 41.16
C HIS B 318 -7.18 8.21 42.22
N THR B 319 -6.60 7.54 43.21
CA THR B 319 -5.77 8.21 44.25
C THR B 319 -4.37 8.44 43.69
N VAL B 320 -3.63 9.39 44.29
CA VAL B 320 -2.19 9.61 43.96
C VAL B 320 -1.43 8.28 44.03
N ALA B 321 -1.66 7.45 45.06
CA ALA B 321 -1.01 6.13 45.26
C ALA B 321 -1.23 5.23 44.03
N ASP B 322 -2.47 5.13 43.55
CA ASP B 322 -2.83 4.25 42.40
C ASP B 322 -2.08 4.75 41.16
N TYR B 323 -2.14 6.07 40.91
CA TYR B 323 -1.48 6.79 39.80
C TYR B 323 0.03 6.57 39.78
N LEU B 324 0.68 6.55 40.94
CA LEU B 324 2.15 6.34 41.05
C LEU B 324 2.50 4.91 40.64
N LYS B 325 1.71 3.92 41.04
CA LYS B 325 1.92 2.51 40.62
C LYS B 325 1.75 2.39 39.10
N PHE B 326 0.73 3.03 38.53
CA PHE B 326 0.47 3.02 37.08
C PHE B 326 1.67 3.63 36.35
N LYS B 327 2.07 4.84 36.76
CA LYS B 327 3.22 5.58 36.18
C LYS B 327 4.49 4.74 36.34
N ASP B 328 4.72 4.08 37.47
CA ASP B 328 5.91 3.21 37.62
C ASP B 328 5.92 2.14 36.53
N LEU B 329 4.82 1.39 36.36
CA LEU B 329 4.77 0.27 35.37
C LEU B 329 4.97 0.83 33.95
N ILE B 330 4.36 1.96 33.63
CA ILE B 330 4.49 2.62 32.29
C ILE B 330 5.96 2.96 32.00
N LEU B 331 6.64 3.63 32.94
CA LEU B 331 8.08 3.99 32.78
C LEU B 331 8.94 2.72 32.64
N ARG B 332 8.55 1.57 33.21
CA ARG B 332 9.27 0.30 32.97
C ARG B 332 9.00 -0.22 31.54
N MET B 333 7.79 -0.02 31.01
CA MET B 333 7.46 -0.45 29.63
C MET B 333 8.16 0.48 28.62
N LEU B 334 8.45 1.73 29.00
CA LEU B 334 9.02 2.74 28.07
C LEU B 334 10.52 2.97 28.35
N ASP B 335 11.19 1.97 28.93
CA ASP B 335 12.67 1.88 29.02
C ASP B 335 13.26 1.92 27.59
N TYR B 336 14.20 2.84 27.33
CA TYR B 336 14.91 2.98 26.03
C TYR B 336 15.64 1.69 25.65
N ASP B 337 16.21 1.01 26.65
CA ASP B 337 17.07 -0.18 26.47
C ASP B 337 16.18 -1.42 26.32
N PRO B 338 16.10 -2.04 25.12
CA PRO B 338 15.22 -3.18 24.93
C PRO B 338 15.67 -4.36 25.81
N LYS B 339 16.94 -4.39 26.24
CA LYS B 339 17.48 -5.47 27.10
C LYS B 339 16.91 -5.37 28.53
N THR B 340 16.67 -4.19 29.06
CA THR B 340 16.15 -4.06 30.44
C THR B 340 14.67 -3.67 30.46
N ARG B 341 14.06 -3.36 29.31
CA ARG B 341 12.60 -3.12 29.25
C ARG B 341 11.90 -4.30 29.95
N ILE B 342 10.90 -4.00 30.77
CA ILE B 342 10.15 -5.04 31.54
C ILE B 342 9.56 -6.06 30.54
N GLN B 343 9.67 -7.34 30.89
CA GLN B 343 9.12 -8.48 30.10
C GLN B 343 7.76 -8.87 30.67
N PRO B 344 6.88 -9.50 29.86
CA PRO B 344 5.49 -9.74 30.27
C PRO B 344 5.33 -10.45 31.62
N TYR B 345 6.14 -11.48 31.90
CA TYR B 345 6.05 -12.24 33.17
C TYR B 345 6.15 -11.27 34.35
N TYR B 346 7.15 -10.40 34.29
CA TYR B 346 7.51 -9.47 35.38
C TYR B 346 6.46 -8.35 35.43
N ALA B 347 5.93 -7.93 34.27
CA ALA B 347 4.90 -6.88 34.21
C ALA B 347 3.69 -7.34 35.02
N LEU B 348 3.34 -8.62 34.93
CA LEU B 348 2.15 -9.20 35.62
C LEU B 348 2.39 -9.25 37.14
N GLN B 349 3.64 -9.16 37.60
CA GLN B 349 4.03 -9.25 39.03
C GLN B 349 4.13 -7.83 39.60
N HIS B 350 3.93 -6.80 38.77
CA HIS B 350 3.99 -5.39 39.22
C HIS B 350 2.84 -5.09 40.20
N SER B 351 3.05 -4.14 41.13
CA SER B 351 2.10 -3.80 42.21
C SER B 351 0.84 -3.14 41.62
N PHE B 352 0.86 -2.71 40.35
CA PHE B 352 -0.33 -2.16 39.67
C PHE B 352 -1.45 -3.22 39.61
N PHE B 353 -1.10 -4.50 39.54
CA PHE B 353 -2.07 -5.62 39.39
C PHE B 353 -2.38 -6.34 40.73
N LYS B 354 -1.62 -6.15 41.80
CA LYS B 354 -1.86 -6.92 43.07
C LYS B 354 -3.15 -6.41 43.75
N LYS B 355 -4.15 -7.29 43.93
CA LYS B 355 -5.46 -6.97 44.57
C LYS B 355 -5.27 -6.82 46.07
C1 RHH C . -9.47 14.98 -13.47
N1 RHH C . -7.13 15.85 -13.53
O1 RHH C . -7.28 10.80 -12.26
C2 RHH C . -8.02 14.94 -13.17
N2 RHH C . -5.16 13.42 -11.81
C3 RHH C . -5.93 15.36 -13.05
N3 RHH C . -7.47 13.89 -12.47
C4 RHH C . -4.64 15.86 -13.15
N4 RHH C . -6.47 9.73 -10.40
C5 RHH C . -3.64 15.13 -12.58
N5 RHH C . -2.26 9.92 -9.64
C6 RHH C . -3.92 13.92 -11.88
N6 RHH C . -0.74 11.42 -10.40
C7 RHH C . -6.12 14.15 -12.40
N7 RHH C . 0.79 12.93 -11.13
C8 RHH C . -8.40 12.83 -12.09
C9 RHH C . -7.83 11.74 -11.33
C10 RHH C . -6.47 9.86 -11.70
C11 RHH C . -5.69 9.10 -12.55
C12 RHH C . -4.87 8.15 -11.98
C13 RHH C . -4.84 7.99 -10.62
C14 RHH C . -5.65 8.81 -9.85
C15 RHH C . -2.83 13.08 -11.32
C16 RHH C . -3.09 11.87 -10.71
C17 RHH C . -2.03 11.07 -10.25
C18 RHH C . -0.49 12.61 -10.98
C19 RHH C . -1.50 13.44 -11.48
P PO4 D . 0.83 -8.58 -8.83
O1 PO4 D . -0.43 -9.15 -8.26
O2 PO4 D . 0.56 -7.13 -9.26
O3 PO4 D . 1.92 -8.57 -7.80
O4 PO4 D . 1.23 -9.44 -10.00
S DMS E . -9.70 15.95 -32.64
O DMS E . -9.18 16.45 -31.34
C1 DMS E . -11.26 16.78 -32.82
C2 DMS E . -10.33 14.33 -32.35
C1 RHH F . -16.02 -6.60 13.62
N1 RHH F . -14.56 -8.57 13.97
O1 RHH F . -11.77 -4.95 13.09
C2 RHH F . -14.79 -7.39 13.44
N2 RHH F . -11.55 -7.97 12.17
C3 RHH F . -13.29 -8.93 13.53
N3 RHH F . -13.69 -6.95 12.67
C4 RHH F . -12.53 -10.06 13.75
N4 RHH F . -10.96 -4.27 11.05
C5 RHH F . -11.28 -10.13 13.18
N5 RHH F . -7.14 -6.82 10.02
C6 RHH F . -10.80 -9.08 12.37
N6 RHH F . -6.73 -8.94 10.95
C7 RHH F . -12.75 -7.93 12.73
N7 RHH F . -6.38 -11.06 11.79
C8 RHH F . -13.64 -5.70 11.91
C9 RHH F . -13.09 -4.57 12.70
C10 RHH F . -10.72 -4.61 12.29
C11 RHH F . -9.47 -4.61 12.87
C12 RHH F . -8.38 -4.27 12.09
C13 RHH F . -8.59 -3.93 10.77
C14 RHH F . -9.88 -3.96 10.29
C15 RHH F . -9.41 -9.08 11.82
C16 RHH F . -8.91 -7.96 11.18
C17 RHH F . -7.60 -7.94 10.68
C18 RHH F . -7.22 -10.04 11.58
C19 RHH F . -8.53 -10.12 12.06
#